data_8WDD
#
_entry.id   8WDD
#
_cell.length_a   145.822
_cell.length_b   45.133
_cell.length_c   209.207
_cell.angle_alpha   90.00
_cell.angle_beta   104.50
_cell.angle_gamma   90.00
#
_symmetry.space_group_name_H-M   'I 1 2 1'
#
loop_
_entity.id
_entity.type
_entity.pdbx_description
1 polymer Albumin
2 non-polymer ~{N},~{N}-dimethyl-6-[(~{E})-2-(1-methylpyridin-1-ium-4-yl)ethenyl]naphthalen-2-amine
#
_entity_poly.entity_id   1
_entity_poly.type   'polypeptide(L)'
_entity_poly.pdbx_seq_one_letter_code
;DTHKSEIAHRFKDLGEEHFKGLVLIAFSQYLQQCPFDEHVKLVNELTEFAKTCVADESHAGCEKSLHTLFGDELCKVASL
RETYGDMADCCEKQEPERNECFLSHKDDSPDLPKLKPDPNTLCDEFKADEKKFWGKYLYEIARRHPYFYAPELLYYANKY
NGVFQECCQAEDKGACLLPKIETMREKVLASSARQRLRCASIQKFGERALKAWSVARLSQKFPKAEFVEVTKLVTDLTKV
HKECCHGDLLECADDRADLAKYICDNQDTISSKLKECCDKPLLEKSHCIAEVEKDAIPENLPPLTADFAEDKDVCKNYQE
AKDAFLGSFLYEYSRRHPEYAVSVLLRLAKEYEATLEECCAKDDPHACYSTVFDKLKHLVDEPQNLIKQNCDQFEKLGEY
GFQNALIVRYTRKVPQVSTPTLVEVSRSLGKVGTRCCTKPESERMPCTEDYLSLILNRLCVLHEKTPVSEKVTKCCTESL
VNRRPCFSALTPDETYVPKAFDEKLFTFHADICTLPDTEKQIKKQTALVELLKHKPKATEEQLKTVMENFVAFVDKCCAA
DDKEACFAVEGPKLVVSTQTALA
;
_entity_poly.pdbx_strand_id   A,B
#
loop_
_chem_comp.id
_chem_comp.type
_chem_comp.name
_chem_comp.formula
VZK non-polymer ~{N},~{N}-dimethyl-6-[(~{E})-2-(1-methylpyridin-1-ium-4-yl)ethenyl]naphthalen-2-amine 'C20 H21 N2 1'
#
# COMPACT_ATOMS: atom_id res chain seq x y z
N HIS A 3 -9.58 34.87 -35.35
CA HIS A 3 -8.73 33.88 -34.71
C HIS A 3 -7.79 34.55 -33.72
N LYS A 4 -8.37 35.26 -32.76
CA LYS A 4 -7.62 36.13 -31.86
C LYS A 4 -7.44 35.53 -30.47
N SER A 5 -8.13 34.44 -30.15
CA SER A 5 -8.06 33.79 -28.85
C SER A 5 -7.70 32.33 -29.08
N GLU A 6 -6.44 31.98 -28.82
CA GLU A 6 -5.99 30.60 -29.01
C GLU A 6 -6.74 29.65 -28.10
N ILE A 7 -7.00 30.06 -26.86
CA ILE A 7 -7.67 29.18 -25.90
C ILE A 7 -9.08 28.86 -26.36
N ALA A 8 -9.78 29.83 -26.93
CA ALA A 8 -11.15 29.60 -27.39
C ALA A 8 -11.18 28.74 -28.65
N HIS A 9 -10.26 28.96 -29.58
CA HIS A 9 -10.20 28.15 -30.79
C HIS A 9 -9.99 26.68 -30.45
N ARG A 10 -9.19 26.39 -29.43
CA ARG A 10 -8.93 25.00 -29.08
C ARG A 10 -10.13 24.38 -28.38
N PHE A 11 -10.73 25.12 -27.45
CA PHE A 11 -11.89 24.61 -26.71
C PHE A 11 -13.00 24.19 -27.65
N LYS A 12 -13.35 25.07 -28.59
CA LYS A 12 -14.45 24.78 -29.52
C LYS A 12 -14.17 23.52 -30.34
N ASP A 13 -12.90 23.29 -30.71
CA ASP A 13 -12.58 22.23 -31.66
C ASP A 13 -12.61 20.85 -31.01
N LEU A 14 -12.17 20.73 -29.76
CA LEU A 14 -12.09 19.43 -29.10
C LEU A 14 -13.25 19.12 -28.18
N GLY A 15 -13.94 20.13 -27.66
CA GLY A 15 -14.97 19.91 -26.67
C GLY A 15 -14.41 19.87 -25.26
N GLU A 16 -15.31 20.09 -24.29
CA GLU A 16 -14.88 20.26 -22.90
C GLU A 16 -14.23 19.00 -22.35
N GLU A 17 -14.85 17.83 -22.59
CA GLU A 17 -14.35 16.60 -21.99
C GLU A 17 -12.94 16.29 -22.45
N HIS A 18 -12.68 16.36 -23.77
CA HIS A 18 -11.31 16.21 -24.24
C HIS A 18 -10.42 17.30 -23.68
N PHE A 19 -10.90 18.55 -23.69
CA PHE A 19 -10.15 19.68 -23.17
C PHE A 19 -9.63 19.40 -21.77
N LYS A 20 -10.54 19.09 -20.84
CA LYS A 20 -10.13 18.76 -19.47
C LYS A 20 -9.16 17.59 -19.45
N GLY A 21 -9.38 16.58 -20.31
CA GLY A 21 -8.48 15.44 -20.35
C GLY A 21 -7.04 15.82 -20.64
N LEU A 22 -6.83 16.54 -21.76
CA LEU A 22 -5.45 16.86 -22.15
C LEU A 22 -4.79 17.84 -21.19
N VAL A 23 -5.55 18.76 -20.60
CA VAL A 23 -4.97 19.68 -19.64
C VAL A 23 -4.51 18.94 -18.39
N LEU A 24 -5.28 17.93 -17.98
CA LEU A 24 -4.84 17.08 -16.86
C LEU A 24 -3.59 16.31 -17.24
N ILE A 25 -3.48 15.89 -18.49
CA ILE A 25 -2.27 15.23 -18.98
C ILE A 25 -1.08 16.18 -18.89
N ALA A 26 -1.23 17.39 -19.45
CA ALA A 26 -0.13 18.35 -19.45
C ALA A 26 0.35 18.64 -18.05
N PHE A 27 -0.57 18.84 -17.11
CA PHE A 27 -0.17 19.09 -15.72
C PHE A 27 0.45 17.86 -15.08
N SER A 28 -0.01 16.67 -15.45
CA SER A 28 0.55 15.45 -14.86
C SER A 28 1.97 15.22 -15.35
N GLN A 29 2.26 15.53 -16.61
CA GLN A 29 3.60 15.35 -17.14
C GLN A 29 4.55 16.45 -16.68
N TYR A 30 4.02 17.63 -16.36
CA TYR A 30 4.85 18.71 -15.85
C TYR A 30 5.18 18.51 -14.38
N LEU A 31 4.17 18.24 -13.55
CA LEU A 31 4.34 17.97 -12.13
C LEU A 31 3.90 16.53 -11.87
N GLN A 32 4.87 15.61 -11.87
CA GLN A 32 4.55 14.20 -11.76
C GLN A 32 4.36 13.74 -10.32
N GLN A 33 4.86 14.50 -9.35
CA GLN A 33 4.74 14.13 -7.94
C GLN A 33 3.58 14.82 -7.24
N CYS A 34 3.02 15.88 -7.83
CA CYS A 34 1.91 16.58 -7.22
C CYS A 34 0.70 15.65 -7.10
N PRO A 35 -0.08 15.75 -6.02
CA PRO A 35 -1.25 14.88 -5.86
C PRO A 35 -2.26 15.06 -6.98
N PHE A 36 -3.15 14.07 -7.08
CA PHE A 36 -4.19 14.08 -8.12
C PHE A 36 -5.18 15.22 -7.90
N ASP A 37 -5.61 15.44 -6.66
CA ASP A 37 -6.65 16.43 -6.39
C ASP A 37 -6.19 17.83 -6.75
N GLU A 38 -4.93 18.17 -6.47
CA GLU A 38 -4.43 19.50 -6.77
C GLU A 38 -4.48 19.79 -8.27
N HIS A 39 -4.29 18.78 -9.11
CA HIS A 39 -4.32 19.00 -10.55
C HIS A 39 -5.73 19.19 -11.06
N VAL A 40 -6.72 18.60 -10.40
CA VAL A 40 -8.12 18.76 -10.83
C VAL A 40 -8.55 20.21 -10.67
N LYS A 41 -8.17 20.84 -9.56
CA LYS A 41 -8.48 22.25 -9.36
C LYS A 41 -7.82 23.11 -10.44
N LEU A 42 -6.57 22.80 -10.78
CA LEU A 42 -5.90 23.50 -11.86
C LEU A 42 -6.64 23.31 -13.18
N VAL A 43 -7.04 22.07 -13.47
CA VAL A 43 -7.83 21.81 -14.67
C VAL A 43 -9.16 22.55 -14.62
N ASN A 44 -9.87 22.44 -13.49
CA ASN A 44 -11.17 23.10 -13.36
C ASN A 44 -11.04 24.61 -13.46
N GLU A 45 -10.03 25.19 -12.81
CA GLU A 45 -9.83 26.63 -12.88
C GLU A 45 -9.60 27.10 -14.32
N LEU A 46 -8.64 26.48 -15.01
CA LEU A 46 -8.34 26.88 -16.38
C LEU A 46 -9.51 26.61 -17.32
N THR A 47 -10.34 25.61 -17.01
CA THR A 47 -11.49 25.29 -17.86
C THR A 47 -12.52 26.40 -17.81
N GLU A 48 -12.86 26.88 -16.61
CA GLU A 48 -13.82 27.96 -16.47
C GLU A 48 -13.36 29.21 -17.19
N PHE A 49 -12.07 29.54 -17.10
CA PHE A 49 -11.54 30.68 -17.83
C PHE A 49 -11.72 30.52 -19.34
N ALA A 50 -11.46 29.31 -19.85
CA ALA A 50 -11.67 29.04 -21.27
C ALA A 50 -13.11 29.30 -21.67
N LYS A 51 -14.06 28.82 -20.87
CA LYS A 51 -15.47 29.09 -21.13
C LYS A 51 -15.76 30.58 -21.14
N THR A 52 -15.05 31.35 -20.31
CA THR A 52 -15.25 32.79 -20.30
C THR A 52 -14.73 33.43 -21.59
N CYS A 53 -13.66 32.86 -22.16
CA CYS A 53 -13.11 33.40 -23.40
C CYS A 53 -13.94 33.05 -24.62
N VAL A 54 -14.60 31.87 -24.61
CA VAL A 54 -15.49 31.53 -25.71
C VAL A 54 -16.70 32.48 -25.73
N ALA A 55 -17.24 32.80 -24.56
CA ALA A 55 -18.33 33.78 -24.48
C ALA A 55 -17.84 35.16 -24.90
N ASP A 56 -16.79 35.65 -24.24
CA ASP A 56 -16.21 36.96 -24.54
C ASP A 56 -14.74 36.75 -24.89
N GLU A 57 -14.37 37.02 -26.14
CA GLU A 57 -12.98 36.88 -26.56
C GLU A 57 -12.15 38.10 -26.25
N SER A 58 -12.78 39.28 -26.19
CA SER A 58 -12.07 40.49 -25.81
C SER A 58 -11.79 40.56 -24.32
N HIS A 59 -12.21 39.57 -23.53
CA HIS A 59 -11.96 39.56 -22.10
C HIS A 59 -10.46 39.41 -21.84
N ALA A 60 -10.01 40.05 -20.75
CA ALA A 60 -8.58 40.12 -20.44
C ALA A 60 -7.94 38.74 -20.37
N GLY A 61 -6.81 38.59 -21.07
CA GLY A 61 -6.02 37.38 -21.03
C GLY A 61 -6.38 36.33 -22.07
N CYS A 62 -7.46 36.53 -22.83
CA CYS A 62 -7.90 35.52 -23.80
C CYS A 62 -6.98 35.43 -25.01
N GLU A 63 -6.17 36.44 -25.27
CA GLU A 63 -5.31 36.45 -26.45
C GLU A 63 -3.91 35.92 -26.17
N LYS A 64 -3.58 35.60 -24.93
CA LYS A 64 -2.25 35.12 -24.59
C LYS A 64 -2.03 33.70 -25.11
N SER A 65 -0.76 33.35 -25.28
CA SER A 65 -0.41 32.04 -25.80
C SER A 65 -0.69 30.95 -24.79
N LEU A 66 -0.98 29.75 -25.29
CA LEU A 66 -1.31 28.60 -24.44
C LEU A 66 -0.30 28.39 -23.32
N HIS A 67 0.99 28.35 -23.66
CA HIS A 67 2.02 28.09 -22.65
C HIS A 67 2.04 29.16 -21.57
N THR A 68 1.68 30.40 -21.92
CA THR A 68 1.61 31.45 -20.91
C THR A 68 0.57 31.12 -19.84
N LEU A 69 -0.66 30.81 -20.25
CA LEU A 69 -1.70 30.47 -19.29
C LEU A 69 -1.31 29.23 -18.48
N PHE A 70 -0.83 28.19 -19.16
CA PHE A 70 -0.31 27.01 -18.47
C PHE A 70 0.81 27.39 -17.50
N GLY A 71 1.79 28.15 -17.98
CA GLY A 71 2.87 28.59 -17.12
C GLY A 71 2.40 29.46 -15.97
N ASP A 72 1.43 30.35 -16.23
CA ASP A 72 0.94 31.23 -15.18
C ASP A 72 0.35 30.44 -14.03
N GLU A 73 -0.46 29.42 -14.33
CA GLU A 73 -1.07 28.62 -13.27
C GLU A 73 -0.05 27.71 -12.60
N LEU A 74 0.98 27.29 -13.33
CA LEU A 74 2.03 26.47 -12.75
C LEU A 74 2.83 27.24 -11.71
N CYS A 75 3.03 28.53 -11.94
CA CYS A 75 3.85 29.33 -11.03
C CYS A 75 3.16 29.62 -9.71
N LYS A 76 1.83 29.51 -9.65
CA LYS A 76 1.11 29.79 -8.41
C LYS A 76 1.08 28.61 -7.45
N VAL A 77 1.65 27.47 -7.83
CA VAL A 77 1.68 26.31 -6.95
C VAL A 77 2.58 26.62 -5.75
N ALA A 78 1.99 26.61 -4.55
CA ALA A 78 2.72 26.99 -3.36
C ALA A 78 3.89 26.05 -3.06
N SER A 79 3.83 24.81 -3.55
CA SER A 79 4.84 23.80 -3.23
C SER A 79 5.80 23.55 -4.39
N LEU A 80 5.95 24.53 -5.30
CA LEU A 80 6.82 24.34 -6.46
C LEU A 80 8.28 24.16 -6.03
N ARG A 81 8.80 25.10 -5.24
CA ARG A 81 10.20 25.05 -4.85
C ARG A 81 10.49 23.85 -3.95
N GLU A 82 9.84 23.78 -2.79
CA GLU A 82 10.14 22.76 -1.78
C GLU A 82 9.98 21.34 -2.31
N THR A 83 9.28 21.14 -3.42
CA THR A 83 9.07 19.80 -3.97
C THR A 83 9.86 19.51 -5.23
N TYR A 84 10.08 20.51 -6.09
CA TYR A 84 10.76 20.29 -7.36
C TYR A 84 12.06 21.09 -7.49
N GLY A 85 12.50 21.74 -6.42
CA GLY A 85 13.81 22.36 -6.39
C GLY A 85 14.01 23.41 -7.47
N ASP A 86 15.07 23.23 -8.26
CA ASP A 86 15.47 24.21 -9.27
C ASP A 86 14.36 24.55 -10.26
N MET A 87 13.31 23.72 -10.35
CA MET A 87 12.16 24.04 -11.18
C MET A 87 11.56 25.41 -10.84
N ALA A 88 11.64 25.82 -9.57
CA ALA A 88 11.05 27.08 -9.14
C ALA A 88 11.76 28.30 -9.71
N ASP A 89 12.93 28.13 -10.33
CA ASP A 89 13.59 29.24 -11.00
C ASP A 89 13.14 29.41 -12.44
N CYS A 90 12.36 28.48 -12.98
CA CYS A 90 11.76 28.67 -14.29
C CYS A 90 10.82 29.87 -14.29
N CYS A 91 10.09 30.06 -13.19
CA CYS A 91 9.11 31.14 -13.09
C CYS A 91 9.74 32.52 -13.03
N GLU A 92 11.06 32.61 -12.99
CA GLU A 92 11.75 33.90 -13.09
C GLU A 92 12.06 34.27 -14.53
N LYS A 93 11.69 33.43 -15.49
CA LYS A 93 12.00 33.63 -16.90
C LYS A 93 10.75 34.12 -17.64
N GLN A 94 10.99 34.73 -18.80
CA GLN A 94 9.91 35.07 -19.71
C GLN A 94 9.63 33.91 -20.66
N GLU A 95 8.50 34.01 -21.36
CA GLU A 95 8.22 33.06 -22.43
C GLU A 95 9.05 33.42 -23.67
N PRO A 96 9.50 32.43 -24.45
CA PRO A 96 9.28 30.99 -24.28
C PRO A 96 10.38 30.28 -23.49
N GLU A 97 11.39 31.03 -23.04
CA GLU A 97 12.47 30.45 -22.25
C GLU A 97 11.93 29.81 -20.98
N ARG A 98 10.82 30.34 -20.44
CA ARG A 98 10.23 29.76 -19.23
C ARG A 98 9.68 28.35 -19.51
N ASN A 99 8.91 28.20 -20.59
CA ASN A 99 8.31 26.90 -20.89
C ASN A 99 9.38 25.85 -21.18
N GLU A 100 10.42 26.23 -21.92
CA GLU A 100 11.52 25.29 -22.16
C GLU A 100 12.20 24.88 -20.86
N CYS A 101 12.22 25.77 -19.86
CA CYS A 101 12.80 25.42 -18.57
C CYS A 101 11.98 24.33 -17.88
N PHE A 102 10.66 24.33 -18.07
CA PHE A 102 9.83 23.27 -17.51
C PHE A 102 10.11 21.93 -18.19
N LEU A 103 10.05 21.91 -19.52
CA LEU A 103 10.26 20.68 -20.29
C LEU A 103 11.54 19.95 -19.88
N SER A 104 12.63 20.71 -19.69
CA SER A 104 13.92 20.12 -19.33
C SER A 104 13.89 19.38 -18.00
N HIS A 105 12.83 19.51 -17.20
CA HIS A 105 12.75 18.86 -15.91
C HIS A 105 11.82 17.65 -15.90
N LYS A 106 11.29 17.25 -17.06
CA LYS A 106 10.50 16.02 -17.14
C LYS A 106 11.36 14.83 -16.75
N ASP A 107 10.92 14.08 -15.74
CA ASP A 107 11.70 12.99 -15.18
C ASP A 107 11.27 11.68 -15.83
N ASP A 108 12.20 11.04 -16.54
CA ASP A 108 11.93 9.76 -17.18
C ASP A 108 12.02 8.57 -16.23
N SER A 109 12.52 8.78 -15.02
CA SER A 109 12.56 7.76 -13.96
C SER A 109 11.93 8.37 -12.73
N PRO A 110 10.60 8.50 -12.70
CA PRO A 110 9.95 9.31 -11.66
C PRO A 110 10.00 8.70 -10.26
N ASP A 111 10.42 7.44 -10.11
CA ASP A 111 10.52 6.79 -8.82
C ASP A 111 9.13 6.61 -8.19
N LEU A 112 8.10 6.48 -9.02
CA LEU A 112 6.75 6.39 -8.49
C LEU A 112 6.42 4.95 -8.09
N PRO A 113 5.64 4.77 -7.02
CA PRO A 113 5.24 3.43 -6.59
C PRO A 113 4.63 2.57 -7.69
N LYS A 114 4.68 1.26 -7.53
CA LYS A 114 4.12 0.32 -8.50
C LYS A 114 2.68 0.00 -8.12
N LEU A 115 1.76 0.33 -9.02
CA LEU A 115 0.34 0.07 -8.78
C LEU A 115 0.07 -1.42 -8.70
N LYS A 116 -0.48 -1.86 -7.57
CA LYS A 116 -0.96 -3.23 -7.38
C LYS A 116 -2.48 -3.20 -7.36
N PRO A 117 -3.15 -3.30 -8.52
CA PRO A 117 -4.60 -3.14 -8.56
C PRO A 117 -5.32 -4.34 -7.97
N ASP A 118 -6.22 -4.07 -7.02
CA ASP A 118 -7.07 -5.10 -6.44
C ASP A 118 -8.48 -4.93 -7.00
N PRO A 119 -9.07 -5.97 -7.60
CA PRO A 119 -10.31 -5.78 -8.35
C PRO A 119 -11.51 -5.35 -7.50
N ASN A 120 -11.57 -5.77 -6.24
CA ASN A 120 -12.70 -5.41 -5.38
C ASN A 120 -12.77 -3.90 -5.17
N THR A 121 -11.71 -3.32 -4.60
CA THR A 121 -11.69 -1.88 -4.36
C THR A 121 -11.68 -1.09 -5.67
N LEU A 122 -11.15 -1.68 -6.74
CA LEU A 122 -11.06 -0.96 -8.01
C LEU A 122 -12.43 -0.85 -8.67
N CYS A 123 -13.17 -1.96 -8.76
CA CYS A 123 -14.54 -1.89 -9.29
C CYS A 123 -15.44 -1.01 -8.44
N ASP A 124 -15.11 -0.85 -7.16
CA ASP A 124 -15.90 0.02 -6.29
C ASP A 124 -15.67 1.48 -6.63
N GLU A 125 -14.43 1.83 -7.00
CA GLU A 125 -14.11 3.20 -7.38
C GLU A 125 -14.70 3.58 -8.73
N PHE A 126 -14.98 2.59 -9.58
CA PHE A 126 -15.54 2.87 -10.89
C PHE A 126 -17.01 3.25 -10.79
N LYS A 127 -17.81 2.44 -10.09
CA LYS A 127 -19.22 2.76 -9.91
C LYS A 127 -19.43 4.06 -9.13
N ALA A 128 -18.51 4.39 -8.21
CA ALA A 128 -18.63 5.62 -7.44
C ALA A 128 -18.73 6.83 -8.37
N ASP A 129 -17.79 6.96 -9.30
CA ASP A 129 -17.81 8.07 -10.26
C ASP A 129 -17.08 7.57 -11.49
N GLU A 130 -17.83 7.45 -12.60
CA GLU A 130 -17.23 6.95 -13.83
C GLU A 130 -16.29 7.98 -14.44
N LYS A 131 -16.52 9.26 -14.19
CA LYS A 131 -15.66 10.31 -14.73
C LYS A 131 -14.39 10.48 -13.91
N LYS A 132 -14.48 10.39 -12.58
CA LYS A 132 -13.31 10.55 -11.74
C LYS A 132 -12.31 9.41 -11.97
N PHE A 133 -12.79 8.16 -11.98
CA PHE A 133 -11.91 7.04 -12.28
C PHE A 133 -11.24 7.21 -13.63
N TRP A 134 -11.99 7.70 -14.62
CA TRP A 134 -11.41 8.04 -15.92
C TRP A 134 -10.20 8.97 -15.76
N GLY A 135 -10.36 10.03 -14.97
CA GLY A 135 -9.26 10.95 -14.74
C GLY A 135 -8.09 10.32 -14.01
N LYS A 136 -8.36 9.46 -13.03
CA LYS A 136 -7.28 8.88 -12.23
C LYS A 136 -6.33 8.06 -13.09
N TYR A 137 -6.86 7.27 -14.02
CA TYR A 137 -6.00 6.54 -14.94
C TYR A 137 -5.14 7.50 -15.77
N LEU A 138 -5.77 8.55 -16.32
CA LEU A 138 -5.03 9.58 -17.04
C LEU A 138 -3.87 10.12 -16.22
N TYR A 139 -4.16 10.59 -15.00
CA TYR A 139 -3.13 11.20 -14.15
C TYR A 139 -2.03 10.19 -13.79
N GLU A 140 -2.38 8.93 -13.63
CA GLU A 140 -1.39 7.95 -13.18
C GLU A 140 -0.50 7.49 -14.32
N ILE A 141 -1.05 7.35 -15.53
CA ILE A 141 -0.24 6.93 -16.66
C ILE A 141 0.65 8.06 -17.15
N ALA A 142 0.13 9.29 -17.15
CA ALA A 142 0.89 10.42 -17.67
C ALA A 142 2.01 10.82 -16.74
N ARG A 143 1.85 10.60 -15.42
CA ARG A 143 2.86 11.02 -14.47
C ARG A 143 4.09 10.12 -14.46
N ARG A 144 3.95 8.87 -14.89
CA ARG A 144 5.09 7.97 -15.00
C ARG A 144 5.73 7.98 -16.37
N HIS A 145 5.02 8.48 -17.39
CA HIS A 145 5.54 8.61 -18.75
C HIS A 145 5.25 10.02 -19.24
N PRO A 146 6.14 10.96 -18.97
CA PRO A 146 5.87 12.37 -19.27
C PRO A 146 6.01 12.74 -20.73
N TYR A 147 6.33 11.78 -21.61
CA TYR A 147 6.41 12.03 -23.04
C TYR A 147 5.36 11.26 -23.82
N PHE A 148 4.33 10.75 -23.13
CA PHE A 148 3.31 9.95 -23.79
C PHE A 148 2.56 10.73 -24.85
N TYR A 149 2.28 10.07 -25.96
CA TYR A 149 1.42 10.61 -27.00
C TYR A 149 0.04 10.85 -26.43
N ALA A 150 -0.29 12.12 -26.16
CA ALA A 150 -1.43 12.48 -25.32
C ALA A 150 -2.77 12.10 -25.92
N PRO A 151 -3.03 12.31 -27.22
CA PRO A 151 -4.31 11.87 -27.79
C PRO A 151 -4.52 10.36 -27.72
N GLU A 152 -3.44 9.58 -27.68
CA GLU A 152 -3.58 8.13 -27.52
C GLU A 152 -3.91 7.74 -26.09
N LEU A 153 -3.45 8.54 -25.11
CA LEU A 153 -3.77 8.25 -23.72
C LEU A 153 -5.26 8.32 -23.46
N LEU A 154 -5.95 9.26 -24.12
CA LEU A 154 -7.40 9.32 -24.02
C LEU A 154 -8.05 8.08 -24.63
N TYR A 155 -7.53 7.63 -25.78
CA TYR A 155 -8.00 6.39 -26.37
C TYR A 155 -7.85 5.22 -25.41
N TYR A 156 -6.66 5.08 -24.80
CA TYR A 156 -6.45 4.04 -23.81
C TYR A 156 -7.37 4.22 -22.61
N ALA A 157 -7.67 5.47 -22.24
CA ALA A 157 -8.53 5.72 -21.09
C ALA A 157 -9.97 5.29 -21.35
N ASN A 158 -10.45 5.42 -22.58
CA ASN A 158 -11.82 4.99 -22.89
C ASN A 158 -11.92 3.47 -22.91
N LYS A 159 -10.94 2.79 -23.51
CA LYS A 159 -10.93 1.34 -23.47
C LYS A 159 -10.71 0.80 -22.06
N TYR A 160 -10.16 1.62 -21.16
CA TYR A 160 -10.01 1.21 -19.76
C TYR A 160 -11.37 1.07 -19.09
N ASN A 161 -12.15 2.15 -19.06
CA ASN A 161 -13.51 2.08 -18.52
C ASN A 161 -14.35 1.07 -19.29
N GLY A 162 -14.04 0.84 -20.57
CA GLY A 162 -14.78 -0.16 -21.33
C GLY A 162 -14.61 -1.55 -20.76
N VAL A 163 -13.38 -1.90 -20.34
CA VAL A 163 -13.15 -3.18 -19.69
C VAL A 163 -13.96 -3.27 -18.40
N PHE A 164 -14.00 -2.19 -17.62
CA PHE A 164 -14.77 -2.20 -16.37
C PHE A 164 -16.27 -2.31 -16.65
N GLN A 165 -16.75 -1.57 -17.64
CA GLN A 165 -18.17 -1.62 -18.02
C GLN A 165 -18.64 -3.05 -18.23
N GLU A 166 -17.77 -3.92 -18.73
CA GLU A 166 -18.14 -5.30 -19.03
C GLU A 166 -17.71 -6.30 -17.97
N CYS A 167 -16.71 -5.98 -17.14
CA CYS A 167 -16.21 -6.92 -16.14
C CYS A 167 -16.81 -6.72 -14.75
N CYS A 168 -17.08 -5.49 -14.33
CA CYS A 168 -17.61 -5.28 -12.99
C CYS A 168 -19.04 -5.81 -12.85
N GLN A 169 -19.64 -6.35 -13.90
CA GLN A 169 -20.96 -6.95 -13.83
C GLN A 169 -20.94 -8.48 -13.89
N ALA A 170 -19.76 -9.09 -13.91
CA ALA A 170 -19.65 -10.54 -13.90
C ALA A 170 -19.56 -11.05 -12.46
N GLU A 171 -19.74 -12.36 -12.31
CA GLU A 171 -19.72 -12.98 -10.98
C GLU A 171 -18.30 -13.09 -10.43
N ASP A 172 -17.31 -13.32 -11.29
CA ASP A 172 -15.91 -13.40 -10.90
C ASP A 172 -15.20 -12.22 -11.55
N LYS A 173 -15.22 -11.07 -10.87
CA LYS A 173 -14.56 -9.87 -11.37
C LYS A 173 -13.09 -10.13 -11.68
N GLY A 174 -12.36 -10.68 -10.70
CA GLY A 174 -10.93 -10.91 -10.89
C GLY A 174 -10.61 -11.65 -12.17
N ALA A 175 -11.37 -12.71 -12.46
CA ALA A 175 -11.12 -13.49 -13.67
C ALA A 175 -11.33 -12.67 -14.94
N CYS A 176 -12.18 -11.64 -14.88
CA CYS A 176 -12.46 -10.82 -16.06
C CYS A 176 -11.48 -9.66 -16.21
N LEU A 177 -11.13 -9.00 -15.09
CA LEU A 177 -10.33 -7.78 -15.17
C LEU A 177 -8.87 -8.07 -15.47
N LEU A 178 -8.23 -8.91 -14.65
CA LEU A 178 -6.77 -9.05 -14.71
C LEU A 178 -6.22 -9.50 -16.06
N PRO A 179 -6.85 -10.39 -16.82
CA PRO A 179 -6.29 -10.71 -18.15
C PRO A 179 -6.40 -9.56 -19.14
N LYS A 180 -7.44 -8.74 -19.05
CA LYS A 180 -7.60 -7.64 -20.00
C LYS A 180 -6.63 -6.50 -19.71
N ILE A 181 -6.47 -6.13 -18.43
CA ILE A 181 -5.64 -4.98 -18.10
C ILE A 181 -4.17 -5.25 -18.38
N GLU A 182 -3.72 -6.49 -18.17
CA GLU A 182 -2.32 -6.81 -18.47
C GLU A 182 -2.06 -6.77 -19.97
N THR A 183 -2.99 -7.31 -20.78
CA THR A 183 -2.88 -7.15 -22.23
C THR A 183 -2.85 -5.69 -22.63
N MET A 184 -3.49 -4.82 -21.85
CA MET A 184 -3.45 -3.39 -22.09
C MET A 184 -2.14 -2.78 -21.60
N ARG A 185 -1.70 -3.18 -20.40
CA ARG A 185 -0.50 -2.60 -19.80
C ARG A 185 0.72 -2.78 -20.71
N GLU A 186 0.81 -3.91 -21.39
CA GLU A 186 1.92 -4.12 -22.32
C GLU A 186 1.81 -3.19 -23.53
N LYS A 187 0.59 -2.93 -23.99
CA LYS A 187 0.41 -2.08 -25.17
C LYS A 187 0.71 -0.62 -24.85
N VAL A 188 0.35 -0.17 -23.64
CA VAL A 188 0.57 1.24 -23.31
C VAL A 188 2.04 1.53 -23.08
N LEU A 189 2.77 0.58 -22.49
CA LEU A 189 4.22 0.73 -22.37
C LEU A 189 4.89 0.73 -23.74
N ALA A 190 4.44 -0.16 -24.64
CA ALA A 190 4.98 -0.16 -26.00
C ALA A 190 4.65 1.13 -26.73
N SER A 191 3.49 1.73 -26.44
CA SER A 191 3.15 3.00 -27.06
C SER A 191 3.92 4.15 -26.44
N SER A 192 4.24 4.06 -25.15
CA SER A 192 5.04 5.11 -24.51
C SER A 192 6.48 5.08 -25.02
N ALA A 193 7.05 3.88 -25.20
CA ALA A 193 8.42 3.79 -25.69
C ALA A 193 8.52 4.27 -27.14
N ARG A 194 7.49 3.99 -27.95
CA ARG A 194 7.48 4.47 -29.33
C ARG A 194 7.45 5.99 -29.38
N GLN A 195 6.57 6.61 -28.59
CA GLN A 195 6.50 8.07 -28.57
C GLN A 195 7.79 8.68 -28.03
N ARG A 196 8.38 8.06 -27.00
CA ARG A 196 9.63 8.56 -26.46
C ARG A 196 10.74 8.56 -27.49
N LEU A 197 10.71 7.62 -28.43
CA LEU A 197 11.71 7.60 -29.50
C LEU A 197 11.43 8.66 -30.56
N ARG A 198 10.16 8.97 -30.81
CA ARG A 198 9.84 10.03 -31.77
C ARG A 198 10.33 11.37 -31.28
N CYS A 199 10.08 11.69 -30.01
CA CYS A 199 10.56 12.93 -29.44
C CYS A 199 12.08 12.97 -29.37
N ALA A 200 12.70 11.83 -29.05
CA ALA A 200 14.15 11.76 -29.04
C ALA A 200 14.73 12.12 -30.40
N SER A 201 14.04 11.73 -31.49
CA SER A 201 14.53 12.02 -32.83
C SER A 201 14.64 13.53 -33.06
N ILE A 202 13.58 14.28 -32.74
CA ILE A 202 13.58 15.72 -33.03
C ILE A 202 14.54 16.45 -32.10
N GLN A 203 14.41 16.23 -30.79
CA GLN A 203 15.19 17.00 -29.83
C GLN A 203 16.69 16.73 -29.91
N LYS A 204 17.09 15.62 -30.55
CA LYS A 204 18.50 15.24 -30.59
C LYS A 204 19.05 15.06 -32.01
N PHE A 205 18.19 14.90 -33.02
CA PHE A 205 18.66 14.72 -34.38
C PHE A 205 17.98 15.63 -35.40
N GLY A 206 16.91 16.33 -35.04
CA GLY A 206 16.31 17.32 -35.91
C GLY A 206 14.97 16.86 -36.47
N GLU A 207 14.27 17.84 -37.06
CA GLU A 207 13.00 17.55 -37.72
C GLU A 207 13.17 16.54 -38.85
N ARG A 208 14.25 16.67 -39.62
CA ARG A 208 14.51 15.78 -40.75
C ARG A 208 14.59 14.32 -40.31
N ALA A 209 14.97 14.07 -39.06
CA ALA A 209 15.06 12.68 -38.59
C ALA A 209 13.69 12.08 -38.37
N LEU A 210 12.78 12.83 -37.75
CA LEU A 210 11.40 12.34 -37.59
C LEU A 210 10.66 12.36 -38.92
N LYS A 211 10.95 13.36 -39.76
CA LYS A 211 10.33 13.42 -41.09
C LYS A 211 10.63 12.17 -41.90
N ALA A 212 11.91 11.78 -41.96
CA ALA A 212 12.29 10.60 -42.72
C ALA A 212 11.71 9.31 -42.15
N TRP A 213 11.41 9.30 -40.84
CA TRP A 213 10.76 8.12 -40.26
C TRP A 213 9.34 7.97 -40.80
N SER A 214 8.62 9.07 -40.94
CA SER A 214 7.25 9.01 -41.46
C SER A 214 7.24 8.57 -42.92
N VAL A 215 8.21 9.03 -43.71
CA VAL A 215 8.31 8.60 -45.10
C VAL A 215 8.46 7.08 -45.17
N ALA A 216 9.22 6.50 -44.24
CA ALA A 216 9.39 5.05 -44.21
C ALA A 216 8.07 4.33 -43.97
N ARG A 217 7.42 4.63 -42.83
CA ARG A 217 6.25 3.85 -42.45
C ARG A 217 5.04 4.14 -43.34
N LEU A 218 4.83 5.41 -43.70
CA LEU A 218 3.68 5.76 -44.52
C LEU A 218 3.74 5.07 -45.89
N SER A 219 4.83 5.30 -46.64
CA SER A 219 5.00 4.63 -47.92
C SER A 219 4.95 3.11 -47.76
N GLN A 220 5.39 2.60 -46.61
CA GLN A 220 5.26 1.18 -46.32
C GLN A 220 3.79 0.78 -46.25
N LYS A 221 3.01 1.50 -45.44
CA LYS A 221 1.60 1.18 -45.26
C LYS A 221 0.75 1.60 -46.45
N PHE A 222 1.17 2.61 -47.19
CA PHE A 222 0.38 3.21 -48.26
C PHE A 222 1.15 3.18 -49.58
N PRO A 223 1.49 1.99 -50.09
CA PRO A 223 2.27 1.94 -51.35
C PRO A 223 1.53 2.46 -52.56
N LYS A 224 0.20 2.61 -52.47
CA LYS A 224 -0.57 3.08 -53.62
C LYS A 224 -0.52 4.60 -53.75
N ALA A 225 -0.50 5.31 -52.63
CA ALA A 225 -0.47 6.77 -52.66
C ALA A 225 0.80 7.26 -53.32
N GLU A 226 0.66 8.24 -54.20
CA GLU A 226 1.81 8.81 -54.90
C GLU A 226 2.65 9.64 -53.93
N PHE A 227 3.82 10.06 -54.41
CA PHE A 227 4.78 10.75 -53.55
C PHE A 227 4.23 12.08 -53.06
N VAL A 228 3.54 12.83 -53.93
CA VAL A 228 2.97 14.10 -53.53
C VAL A 228 1.93 13.93 -52.43
N GLU A 229 1.18 12.82 -52.46
CA GLU A 229 0.23 12.53 -51.39
C GLU A 229 0.95 12.18 -50.09
N VAL A 230 1.96 11.32 -50.17
CA VAL A 230 2.71 10.93 -48.97
C VAL A 230 3.34 12.14 -48.31
N THR A 231 3.95 13.02 -49.09
CA THR A 231 4.57 14.23 -48.54
C THR A 231 3.56 15.07 -47.76
N LYS A 232 2.33 15.19 -48.27
CA LYS A 232 1.30 15.95 -47.59
C LYS A 232 1.03 15.39 -46.20
N LEU A 233 0.79 14.07 -46.12
CA LEU A 233 0.55 13.44 -44.82
C LEU A 233 1.75 13.58 -43.90
N VAL A 234 2.97 13.51 -44.45
CA VAL A 234 4.18 13.62 -43.64
C VAL A 234 4.26 15.01 -43.00
N THR A 235 3.99 16.05 -43.79
CA THR A 235 4.06 17.42 -43.28
C THR A 235 3.19 17.61 -42.04
N ASP A 236 1.93 17.18 -42.12
CA ASP A 236 1.01 17.38 -41.00
C ASP A 236 1.26 16.40 -39.87
N LEU A 237 1.68 15.17 -40.17
CA LEU A 237 1.93 14.19 -39.11
C LEU A 237 3.14 14.59 -38.29
N THR A 238 4.23 14.99 -38.95
CA THR A 238 5.41 15.46 -38.23
C THR A 238 5.06 16.65 -37.33
N LYS A 239 4.22 17.56 -37.83
CA LYS A 239 3.77 18.68 -37.00
C LYS A 239 3.00 18.17 -35.78
N VAL A 240 2.16 17.14 -35.96
CA VAL A 240 1.42 16.58 -34.85
C VAL A 240 2.37 16.08 -33.77
N HIS A 241 3.36 15.28 -34.16
CA HIS A 241 4.33 14.77 -33.20
C HIS A 241 5.20 15.90 -32.66
N LYS A 242 5.58 16.86 -33.51
CA LYS A 242 6.38 18.00 -33.05
C LYS A 242 5.70 18.75 -31.92
N GLU A 243 4.39 18.96 -32.03
CA GLU A 243 3.67 19.71 -31.00
C GLU A 243 3.43 18.86 -29.76
N CYS A 244 3.03 17.59 -29.94
CA CYS A 244 2.85 16.69 -28.80
C CYS A 244 4.14 16.56 -28.00
N CYS A 245 5.27 16.35 -28.67
CA CYS A 245 6.55 16.21 -27.98
C CYS A 245 7.00 17.51 -27.33
N HIS A 246 6.39 18.65 -27.71
CA HIS A 246 6.76 19.95 -27.16
C HIS A 246 5.78 20.42 -26.09
N GLY A 247 4.88 19.55 -25.63
CA GLY A 247 3.85 19.93 -24.70
C GLY A 247 2.68 20.68 -25.30
N ASP A 248 2.64 20.85 -26.62
CA ASP A 248 1.53 21.51 -27.29
C ASP A 248 0.42 20.49 -27.52
N LEU A 249 -0.16 20.04 -26.41
CA LEU A 249 -1.10 18.92 -26.46
C LEU A 249 -2.41 19.31 -27.13
N LEU A 250 -2.94 20.49 -26.80
CA LEU A 250 -4.22 20.90 -27.38
C LEU A 250 -4.11 21.12 -28.89
N GLU A 251 -3.03 21.75 -29.34
CA GLU A 251 -2.80 21.89 -30.78
C GLU A 251 -2.51 20.55 -31.44
N CYS A 252 -1.87 19.63 -30.71
CA CYS A 252 -1.54 18.33 -31.26
C CYS A 252 -2.79 17.51 -31.56
N ALA A 253 -3.64 17.32 -30.54
CA ALA A 253 -4.85 16.52 -30.70
C ALA A 253 -5.75 17.10 -31.80
N ASP A 254 -5.93 18.42 -31.81
CA ASP A 254 -6.77 19.06 -32.82
C ASP A 254 -6.24 18.76 -34.23
N ASP A 255 -4.92 18.79 -34.40
CA ASP A 255 -4.35 18.52 -35.72
C ASP A 255 -4.36 17.03 -36.05
N ARG A 256 -4.29 16.16 -35.04
CA ARG A 256 -4.49 14.74 -35.29
C ARG A 256 -5.92 14.47 -35.76
N ALA A 257 -6.90 15.13 -35.13
CA ALA A 257 -8.28 15.03 -35.60
C ALA A 257 -8.43 15.57 -37.02
N ASP A 258 -7.78 16.70 -37.31
CA ASP A 258 -7.83 17.25 -38.66
C ASP A 258 -7.18 16.32 -39.67
N LEU A 259 -6.12 15.61 -39.28
CA LEU A 259 -5.47 14.67 -40.18
C LEU A 259 -6.32 13.44 -40.40
N ALA A 260 -6.80 12.82 -39.31
CA ALA A 260 -7.70 11.67 -39.43
C ALA A 260 -8.91 12.00 -40.29
N LYS A 261 -9.39 13.24 -40.23
CA LYS A 261 -10.51 13.66 -41.06
C LYS A 261 -10.11 13.73 -42.54
N TYR A 262 -8.91 14.22 -42.82
CA TYR A 262 -8.47 14.40 -44.21
C TYR A 262 -8.33 13.07 -44.93
N ILE A 263 -7.67 12.10 -44.28
CA ILE A 263 -7.37 10.83 -44.94
C ILE A 263 -8.63 10.04 -45.24
N CYS A 264 -9.60 10.03 -44.31
CA CYS A 264 -10.84 9.30 -44.55
C CYS A 264 -11.59 9.86 -45.75
N ASP A 265 -11.57 11.18 -45.93
CA ASP A 265 -12.19 11.81 -47.08
C ASP A 265 -11.32 11.72 -48.34
N ASN A 266 -10.23 10.96 -48.28
CA ASN A 266 -9.34 10.77 -49.41
C ASN A 266 -8.86 9.32 -49.50
N GLN A 267 -9.71 8.38 -49.05
CA GLN A 267 -9.38 6.96 -49.08
C GLN A 267 -8.90 6.50 -50.45
N ASP A 268 -9.68 6.83 -51.50
CA ASP A 268 -9.43 6.31 -52.84
C ASP A 268 -7.99 6.55 -53.30
N THR A 269 -7.36 7.64 -52.88
CA THR A 269 -6.01 7.97 -53.29
C THR A 269 -4.94 7.55 -52.28
N ILE A 270 -5.32 6.94 -51.17
CA ILE A 270 -4.37 6.60 -50.12
C ILE A 270 -4.22 5.09 -49.98
N SER A 271 -5.28 4.41 -49.57
CA SER A 271 -5.24 2.96 -49.36
C SER A 271 -6.66 2.43 -49.33
N SER A 272 -6.78 1.12 -49.57
CA SER A 272 -8.07 0.46 -49.66
C SER A 272 -8.47 -0.28 -48.39
N LYS A 273 -7.66 -0.22 -47.34
CA LYS A 273 -7.93 -0.94 -46.10
C LYS A 273 -8.38 -0.02 -44.97
N LEU A 274 -8.97 1.13 -45.32
CA LEU A 274 -9.37 2.14 -44.34
C LEU A 274 -10.87 2.26 -44.18
N LYS A 275 -11.67 1.56 -44.98
CA LYS A 275 -13.13 1.67 -44.91
C LYS A 275 -13.64 1.42 -43.51
N GLU A 276 -13.26 0.30 -42.90
CA GLU A 276 -13.69 0.01 -41.53
C GLU A 276 -13.06 0.97 -40.53
N CYS A 277 -11.80 1.36 -40.77
CA CYS A 277 -11.11 2.28 -39.88
C CYS A 277 -11.78 3.65 -39.84
N CYS A 278 -12.51 4.02 -40.89
CA CYS A 278 -13.06 5.37 -41.04
C CYS A 278 -14.55 5.44 -40.72
N ASP A 279 -15.02 4.56 -39.84
CA ASP A 279 -16.40 4.58 -39.36
C ASP A 279 -16.50 4.62 -37.85
N LYS A 280 -15.39 4.46 -37.13
CA LYS A 280 -15.36 4.53 -35.68
C LYS A 280 -15.42 5.99 -35.25
N PRO A 281 -15.66 6.25 -33.96
CA PRO A 281 -15.60 7.63 -33.48
C PRO A 281 -14.16 8.14 -33.45
N LEU A 282 -14.03 9.43 -33.13
CA LEU A 282 -12.77 10.16 -33.23
C LEU A 282 -11.57 9.38 -32.70
N LEU A 283 -11.59 9.04 -31.40
CA LEU A 283 -10.45 8.39 -30.78
C LEU A 283 -10.20 7.01 -31.40
N GLU A 284 -11.24 6.20 -31.53
CA GLU A 284 -11.09 4.87 -32.09
C GLU A 284 -10.58 4.93 -33.53
N LYS A 285 -11.09 5.87 -34.32
CA LYS A 285 -10.68 6.00 -35.71
C LYS A 285 -9.17 6.20 -35.83
N SER A 286 -8.66 7.25 -35.20
CA SER A 286 -7.24 7.60 -35.33
C SER A 286 -6.34 6.44 -34.94
N HIS A 287 -6.67 5.74 -33.85
CA HIS A 287 -5.88 4.57 -33.48
C HIS A 287 -5.99 3.47 -34.53
N CYS A 288 -7.18 3.26 -35.08
CA CYS A 288 -7.35 2.29 -36.15
C CYS A 288 -6.46 2.63 -37.33
N ILE A 289 -6.39 3.91 -37.69
CA ILE A 289 -5.57 4.35 -38.81
C ILE A 289 -4.11 3.99 -38.58
N ALA A 290 -3.61 4.18 -37.36
CA ALA A 290 -2.21 3.92 -37.09
C ALA A 290 -1.91 2.42 -37.11
N GLU A 291 -2.88 1.58 -36.75
CA GLU A 291 -2.70 0.14 -36.71
C GLU A 291 -3.26 -0.56 -37.95
N VAL A 292 -3.47 0.18 -39.04
CA VAL A 292 -4.10 -0.39 -40.23
C VAL A 292 -3.12 -1.31 -40.94
N GLU A 293 -3.66 -2.34 -41.59
CA GLU A 293 -2.86 -3.22 -42.42
C GLU A 293 -2.37 -2.47 -43.66
N LYS A 294 -1.20 -2.89 -44.16
CA LYS A 294 -0.61 -2.23 -45.32
C LYS A 294 -1.36 -2.62 -46.59
N ASP A 295 -1.29 -1.74 -47.59
CA ASP A 295 -1.95 -1.97 -48.86
C ASP A 295 -1.08 -2.82 -49.79
N ALA A 296 -1.68 -3.30 -50.86
CA ALA A 296 -0.99 -4.18 -51.78
C ALA A 296 -0.04 -3.40 -52.67
N ILE A 297 1.09 -4.03 -53.00
CA ILE A 297 2.08 -3.41 -53.88
C ILE A 297 1.51 -3.31 -55.29
N PRO A 298 1.64 -2.16 -55.97
CA PRO A 298 1.23 -2.09 -57.38
C PRO A 298 1.88 -3.16 -58.24
N GLU A 299 1.25 -3.50 -59.36
CA GLU A 299 1.66 -4.68 -60.12
C GLU A 299 2.86 -4.40 -61.01
N ASN A 300 2.94 -3.23 -61.63
CA ASN A 300 3.97 -2.90 -62.61
C ASN A 300 4.80 -1.73 -62.08
N LEU A 301 5.57 -1.98 -61.04
CA LEU A 301 6.44 -0.95 -60.48
C LEU A 301 7.76 -0.92 -61.24
N PRO A 302 8.25 0.26 -61.65
CA PRO A 302 9.52 0.31 -62.34
C PRO A 302 10.66 -0.10 -61.43
N PRO A 303 11.70 -0.73 -61.95
CA PRO A 303 12.79 -1.20 -61.09
C PRO A 303 13.49 -0.05 -60.38
N LEU A 304 13.84 -0.29 -59.12
CA LEU A 304 14.49 0.72 -58.28
C LEU A 304 15.72 1.33 -58.94
N THR A 305 16.48 0.54 -59.71
CA THR A 305 17.70 1.04 -60.32
C THR A 305 17.44 2.18 -61.29
N ALA A 306 16.22 2.28 -61.84
CA ALA A 306 15.93 3.28 -62.86
C ALA A 306 16.12 4.70 -62.34
N ASP A 307 15.43 5.05 -61.26
CA ASP A 307 15.39 6.44 -60.82
C ASP A 307 16.64 6.89 -60.08
N PHE A 308 17.40 5.98 -59.49
CA PHE A 308 18.46 6.37 -58.56
C PHE A 308 19.83 5.76 -58.86
N ALA A 309 20.03 5.17 -60.03
CA ALA A 309 21.33 4.58 -60.33
C ALA A 309 21.82 4.93 -61.73
N GLU A 310 21.08 4.53 -62.76
CA GLU A 310 21.54 4.72 -64.13
C GLU A 310 21.18 6.07 -64.71
N ASP A 311 20.26 6.80 -64.11
CA ASP A 311 19.94 8.14 -64.59
C ASP A 311 21.20 9.00 -64.57
N LYS A 312 21.58 9.53 -65.74
CA LYS A 312 22.79 10.35 -65.80
C LYS A 312 22.64 11.72 -65.12
N ASP A 313 21.58 11.97 -64.35
CA ASP A 313 21.37 13.26 -63.70
C ASP A 313 21.10 13.10 -62.21
N VAL A 314 21.40 11.94 -61.63
CA VAL A 314 21.15 11.71 -60.20
C VAL A 314 21.80 12.79 -59.36
N CYS A 315 23.04 13.17 -59.68
CA CYS A 315 23.70 14.25 -58.97
C CYS A 315 22.95 15.57 -59.16
N LYS A 316 22.43 15.80 -60.36
CA LYS A 316 21.70 17.04 -60.63
C LYS A 316 20.42 17.13 -59.82
N ASN A 317 19.54 16.13 -59.96
CA ASN A 317 18.28 16.14 -59.22
C ASN A 317 18.49 16.14 -57.72
N TYR A 318 19.62 15.57 -57.26
CA TYR A 318 19.91 15.55 -55.83
C TYR A 318 20.12 16.96 -55.29
N GLN A 319 21.11 17.68 -55.84
CA GLN A 319 21.52 18.96 -55.27
C GLN A 319 20.39 19.98 -55.28
N GLU A 320 19.53 19.95 -56.29
CA GLU A 320 18.47 20.95 -56.39
C GLU A 320 17.47 20.83 -55.25
N ALA A 321 17.19 19.60 -54.80
CA ALA A 321 16.30 19.39 -53.65
C ALA A 321 16.75 18.09 -52.98
N LYS A 322 17.70 18.21 -52.06
CA LYS A 322 18.32 17.03 -51.45
C LYS A 322 17.31 16.23 -50.64
N ASP A 323 16.69 16.87 -49.63
CA ASP A 323 15.71 16.15 -48.81
C ASP A 323 14.51 15.68 -49.63
N ALA A 324 14.16 16.40 -50.69
CA ALA A 324 13.06 15.97 -51.54
C ALA A 324 13.49 14.82 -52.45
N PHE A 325 14.70 14.90 -53.01
CA PHE A 325 15.22 13.79 -53.80
C PHE A 325 15.45 12.55 -52.93
N LEU A 326 15.97 12.76 -51.71
CA LEU A 326 16.16 11.64 -50.79
C LEU A 326 14.82 11.12 -50.29
N GLY A 327 13.89 12.02 -49.95
CA GLY A 327 12.55 11.58 -49.59
C GLY A 327 11.90 10.73 -50.68
N SER A 328 12.14 11.09 -51.95
CA SER A 328 11.64 10.26 -53.04
C SER A 328 12.26 8.87 -53.01
N PHE A 329 13.53 8.77 -52.59
CA PHE A 329 14.20 7.48 -52.54
C PHE A 329 13.60 6.59 -51.45
N LEU A 330 13.41 7.13 -50.25
CA LEU A 330 12.80 6.36 -49.18
C LEU A 330 11.39 5.90 -49.56
N TYR A 331 10.58 6.81 -50.10
CA TYR A 331 9.25 6.46 -50.56
C TYR A 331 9.26 5.29 -51.54
N GLU A 332 10.03 5.43 -52.62
CA GLU A 332 10.12 4.37 -53.63
C GLU A 332 10.60 3.05 -53.04
N TYR A 333 11.46 3.10 -52.02
CA TYR A 333 11.98 1.87 -51.42
C TYR A 333 11.07 1.35 -50.32
N SER A 334 10.39 2.22 -49.58
CA SER A 334 9.49 1.77 -48.53
C SER A 334 8.22 1.15 -49.11
N ARG A 335 7.73 1.66 -50.24
CA ARG A 335 6.49 1.15 -50.80
C ARG A 335 6.66 -0.26 -51.35
N ARG A 336 7.78 -0.51 -52.03
CA ARG A 336 8.00 -1.80 -52.69
C ARG A 336 8.51 -2.88 -51.75
N HIS A 337 8.81 -2.53 -50.50
CA HIS A 337 9.36 -3.48 -49.53
C HIS A 337 8.70 -3.29 -48.17
N PRO A 338 7.49 -3.81 -48.00
CA PRO A 338 6.86 -3.80 -46.67
C PRO A 338 7.36 -4.90 -45.74
N GLU A 339 8.24 -5.79 -46.19
CA GLU A 339 8.82 -6.80 -45.32
C GLU A 339 10.07 -6.30 -44.60
N TYR A 340 10.46 -5.05 -44.81
CA TYR A 340 11.59 -4.47 -44.10
C TYR A 340 11.11 -3.78 -42.83
N ALA A 341 11.94 -3.84 -41.79
CA ALA A 341 11.68 -3.06 -40.61
C ALA A 341 11.97 -1.60 -40.89
N VAL A 342 11.26 -0.71 -40.21
CA VAL A 342 11.50 0.72 -40.38
C VAL A 342 12.96 1.05 -40.05
N SER A 343 13.47 0.48 -38.95
CA SER A 343 14.87 0.70 -38.56
C SER A 343 15.84 0.35 -39.68
N VAL A 344 15.45 -0.56 -40.58
CA VAL A 344 16.31 -0.96 -41.67
C VAL A 344 16.28 0.06 -42.80
N LEU A 345 15.08 0.50 -43.19
CA LEU A 345 14.92 1.27 -44.42
C LEU A 345 15.63 2.63 -44.35
N LEU A 346 15.50 3.35 -43.22
CA LEU A 346 16.24 4.61 -43.11
C LEU A 346 17.74 4.38 -43.12
N ARG A 347 18.21 3.22 -42.65
CA ARG A 347 19.63 2.89 -42.75
C ARG A 347 20.06 2.77 -44.20
N LEU A 348 19.16 2.29 -45.07
CA LEU A 348 19.49 2.22 -46.49
C LEU A 348 19.51 3.62 -47.10
N ALA A 349 18.55 4.47 -46.73
CA ALA A 349 18.53 5.83 -47.25
C ALA A 349 19.70 6.65 -46.71
N LYS A 350 20.01 6.50 -45.42
CA LYS A 350 21.17 7.19 -44.86
C LYS A 350 22.46 6.72 -45.53
N GLU A 351 22.53 5.45 -45.91
CA GLU A 351 23.69 4.95 -46.64
C GLU A 351 23.70 5.49 -48.07
N TYR A 352 22.53 5.58 -48.70
CA TYR A 352 22.44 6.14 -50.04
C TYR A 352 22.82 7.62 -50.04
N GLU A 353 22.41 8.35 -49.00
CA GLU A 353 22.82 9.75 -48.86
C GLU A 353 24.34 9.88 -48.84
N ALA A 354 25.01 9.04 -48.03
CA ALA A 354 26.46 9.07 -47.97
C ALA A 354 27.10 8.69 -49.31
N THR A 355 26.39 7.94 -50.15
CA THR A 355 26.93 7.60 -51.46
C THR A 355 26.90 8.82 -52.39
N LEU A 356 25.81 9.59 -52.35
CA LEU A 356 25.68 10.73 -53.26
C LEU A 356 26.68 11.82 -52.94
N GLU A 357 26.89 12.12 -51.66
CA GLU A 357 27.77 13.22 -51.28
C GLU A 357 29.20 12.98 -51.77
N GLU A 358 29.68 11.73 -51.68
CA GLU A 358 31.05 11.43 -52.09
C GLU A 358 31.19 11.11 -53.57
N CYS A 359 30.17 10.49 -54.18
CA CYS A 359 30.27 10.16 -55.60
C CYS A 359 30.19 11.42 -56.47
N CYS A 360 29.25 12.32 -56.16
CA CYS A 360 29.14 13.55 -56.92
C CYS A 360 30.38 14.43 -56.80
N ALA A 361 31.15 14.26 -55.73
CA ALA A 361 32.43 14.97 -55.61
C ALA A 361 33.40 14.54 -56.69
N LYS A 362 33.48 13.24 -56.97
CA LYS A 362 34.37 12.73 -57.98
C LYS A 362 34.02 13.30 -59.36
N ASP A 363 35.00 13.26 -60.26
CA ASP A 363 34.80 13.82 -61.60
C ASP A 363 33.92 12.93 -62.45
N ASP A 364 33.89 11.63 -62.18
CA ASP A 364 33.03 10.67 -62.88
C ASP A 364 32.07 10.04 -61.88
N PRO A 365 31.05 10.79 -61.44
CA PRO A 365 30.09 10.22 -60.47
C PRO A 365 29.33 9.02 -61.02
N HIS A 366 29.11 8.95 -62.33
CA HIS A 366 28.34 7.86 -62.91
C HIS A 366 28.99 6.50 -62.65
N ALA A 367 30.31 6.44 -62.76
CA ALA A 367 31.04 5.22 -62.38
C ALA A 367 30.97 4.93 -60.90
N CYS A 368 30.65 5.92 -60.06
CA CYS A 368 30.69 5.75 -58.62
C CYS A 368 29.36 5.28 -58.04
N TYR A 369 28.23 5.85 -58.46
CA TYR A 369 26.95 5.55 -57.84
C TYR A 369 26.15 4.48 -58.58
N SER A 370 26.53 4.12 -59.80
CA SER A 370 25.76 3.12 -60.55
C SER A 370 25.69 1.79 -59.82
N THR A 371 26.71 1.47 -59.02
CA THR A 371 26.78 0.19 -58.32
C THR A 371 26.40 0.29 -56.84
N VAL A 372 25.76 1.39 -56.42
CA VAL A 372 25.47 1.58 -55.00
C VAL A 372 24.54 0.49 -54.48
N PHE A 373 23.62 0.01 -55.32
CA PHE A 373 22.64 -0.96 -54.86
C PHE A 373 23.27 -2.29 -54.49
N ASP A 374 24.42 -2.62 -55.10
CA ASP A 374 25.15 -3.80 -54.67
C ASP A 374 25.66 -3.64 -53.25
N LYS A 375 26.24 -2.47 -52.95
CA LYS A 375 26.62 -2.16 -51.57
C LYS A 375 25.40 -2.21 -50.65
N LEU A 376 24.29 -1.62 -51.09
CA LEU A 376 23.09 -1.55 -50.25
C LEU A 376 22.54 -2.93 -49.95
N LYS A 377 22.50 -3.81 -50.96
CA LYS A 377 21.98 -5.16 -50.77
C LYS A 377 22.71 -5.89 -49.64
N HIS A 378 23.98 -5.55 -49.40
CA HIS A 378 24.76 -6.19 -48.35
C HIS A 378 24.37 -5.73 -46.95
N LEU A 379 23.69 -4.60 -46.81
CA LEU A 379 23.28 -4.15 -45.48
C LEU A 379 22.17 -5.03 -44.90
N VAL A 380 21.30 -5.57 -45.75
CA VAL A 380 20.16 -6.34 -45.26
C VAL A 380 20.61 -7.63 -44.59
N ASP A 381 21.69 -8.26 -45.06
CA ASP A 381 22.09 -9.56 -44.57
C ASP A 381 22.95 -9.50 -43.31
N GLU A 382 23.54 -8.35 -43.01
CA GLU A 382 24.43 -8.23 -41.84
C GLU A 382 23.73 -8.63 -40.54
N PRO A 383 22.52 -8.17 -40.22
CA PRO A 383 21.89 -8.62 -38.96
C PRO A 383 21.50 -10.08 -38.96
N GLN A 384 21.25 -10.67 -40.13
CA GLN A 384 20.57 -11.96 -40.29
C GLN A 384 21.02 -13.06 -39.33
N ASN A 385 22.30 -13.16 -39.02
CA ASN A 385 22.76 -14.22 -38.13
C ASN A 385 22.71 -13.85 -36.65
N LEU A 386 22.50 -12.58 -36.31
CA LEU A 386 22.36 -12.21 -34.90
C LEU A 386 21.08 -12.78 -34.30
N ILE A 387 19.97 -12.71 -35.05
CA ILE A 387 18.70 -13.20 -34.53
C ILE A 387 18.80 -14.69 -34.19
N LYS A 388 19.35 -15.49 -35.11
CA LYS A 388 19.46 -16.93 -34.89
C LYS A 388 20.21 -17.24 -33.60
N GLN A 389 21.42 -16.70 -33.46
CA GLN A 389 22.20 -16.95 -32.25
C GLN A 389 21.45 -16.49 -31.00
N ASN A 390 20.63 -15.45 -31.13
CA ASN A 390 19.85 -14.97 -29.99
C ASN A 390 18.59 -15.79 -29.78
N CYS A 391 17.96 -16.28 -30.86
CA CYS A 391 16.77 -17.09 -30.72
C CYS A 391 17.09 -18.50 -30.23
N ASP A 392 18.24 -19.04 -30.64
CA ASP A 392 18.66 -20.35 -30.14
C ASP A 392 18.91 -20.29 -28.64
N GLN A 393 19.71 -19.31 -28.20
CA GLN A 393 19.94 -19.11 -26.77
C GLN A 393 18.62 -18.91 -26.04
N PHE A 394 17.75 -18.04 -26.57
CA PHE A 394 16.40 -17.82 -26.04
C PHE A 394 15.69 -19.12 -25.71
N GLU A 395 15.37 -19.91 -26.73
CA GLU A 395 14.61 -21.15 -26.51
C GLU A 395 15.34 -22.10 -25.55
N LYS A 396 16.67 -22.09 -25.55
CA LYS A 396 17.42 -22.98 -24.67
C LYS A 396 17.19 -22.64 -23.20
N LEU A 397 17.35 -21.37 -22.83
CA LEU A 397 17.32 -20.97 -21.43
C LEU A 397 15.97 -20.42 -20.96
N GLY A 398 15.15 -19.89 -21.87
CA GLY A 398 13.89 -19.27 -21.49
C GLY A 398 14.03 -17.82 -21.11
N GLU A 399 12.88 -17.16 -21.00
CA GLU A 399 12.81 -15.72 -20.75
C GLU A 399 13.67 -15.29 -19.56
N TYR A 400 13.36 -15.81 -18.38
CA TYR A 400 14.07 -15.40 -17.16
C TYR A 400 15.57 -15.68 -17.28
N GLY A 401 15.91 -16.89 -17.75
CA GLY A 401 17.32 -17.20 -17.97
C GLY A 401 17.95 -16.35 -19.05
N PHE A 402 17.18 -15.96 -20.05
CA PHE A 402 17.71 -15.12 -21.12
C PHE A 402 17.99 -13.71 -20.61
N GLN A 403 17.15 -13.21 -19.70
CA GLN A 403 17.41 -11.93 -19.05
C GLN A 403 18.79 -11.92 -18.40
N ASN A 404 19.07 -12.92 -17.56
CA ASN A 404 20.37 -12.98 -16.90
C ASN A 404 21.51 -13.19 -17.89
N ALA A 405 21.22 -13.77 -19.06
CA ALA A 405 22.25 -13.95 -20.07
C ALA A 405 22.72 -12.60 -20.63
N LEU A 406 21.78 -11.75 -21.01
CA LEU A 406 22.14 -10.43 -21.54
C LEU A 406 22.65 -9.52 -20.43
N ILE A 407 22.09 -9.64 -19.23
CA ILE A 407 22.60 -8.89 -18.08
C ILE A 407 24.08 -9.17 -17.88
N VAL A 408 24.48 -10.43 -18.05
CA VAL A 408 25.90 -10.77 -17.96
C VAL A 408 26.66 -10.22 -19.16
N ARG A 409 26.10 -10.37 -20.36
CA ARG A 409 26.80 -9.95 -21.57
C ARG A 409 26.96 -8.44 -21.63
N TYR A 410 25.90 -7.69 -21.34
CA TYR A 410 25.92 -6.24 -21.53
C TYR A 410 26.57 -5.51 -20.36
N THR A 411 26.55 -6.09 -19.15
CA THR A 411 27.30 -5.49 -18.06
C THR A 411 28.80 -5.51 -18.34
N ARG A 412 29.27 -6.56 -19.01
CA ARG A 412 30.67 -6.63 -19.41
C ARG A 412 31.00 -5.62 -20.50
N LYS A 413 30.00 -5.16 -21.26
CA LYS A 413 30.22 -4.22 -22.35
C LYS A 413 30.28 -2.78 -21.87
N VAL A 414 29.39 -2.39 -20.96
CA VAL A 414 29.33 -1.02 -20.43
C VAL A 414 29.20 -1.06 -18.91
N PRO A 415 30.28 -1.36 -18.19
CA PRO A 415 30.17 -1.48 -16.73
C PRO A 415 29.87 -0.17 -16.02
N GLN A 416 30.28 0.97 -16.57
CA GLN A 416 30.09 2.25 -15.91
C GLN A 416 28.63 2.60 -15.68
N VAL A 417 27.71 2.02 -16.47
CA VAL A 417 26.30 2.36 -16.35
C VAL A 417 25.78 2.00 -14.96
N SER A 418 24.81 2.78 -14.48
CA SER A 418 24.28 2.60 -13.15
C SER A 418 23.43 1.33 -13.06
N THR A 419 23.39 0.73 -11.88
CA THR A 419 22.78 -0.58 -11.70
C THR A 419 21.30 -0.64 -12.08
N PRO A 420 20.43 0.27 -11.63
CA PRO A 420 19.01 0.15 -12.03
C PRO A 420 18.79 0.24 -13.52
N THR A 421 19.70 0.88 -14.26
CA THR A 421 19.54 0.96 -15.70
C THR A 421 19.87 -0.36 -16.37
N LEU A 422 21.03 -0.96 -16.05
CA LEU A 422 21.39 -2.24 -16.66
C LEU A 422 20.32 -3.30 -16.41
N VAL A 423 19.76 -3.33 -15.21
CA VAL A 423 18.67 -4.27 -14.92
C VAL A 423 17.48 -4.01 -15.83
N GLU A 424 16.89 -2.81 -15.73
CA GLU A 424 15.70 -2.48 -16.50
C GLU A 424 15.89 -2.76 -17.99
N VAL A 425 17.02 -2.31 -18.55
CA VAL A 425 17.26 -2.48 -19.98
C VAL A 425 17.40 -3.96 -20.33
N SER A 426 18.22 -4.70 -19.57
CA SER A 426 18.43 -6.11 -19.88
C SER A 426 17.16 -6.93 -19.75
N ARG A 427 16.23 -6.53 -18.87
CA ARG A 427 14.94 -7.21 -18.81
C ARG A 427 14.14 -7.00 -20.08
N SER A 428 14.11 -5.77 -20.58
CA SER A 428 13.34 -5.47 -21.78
C SER A 428 13.90 -6.20 -23.01
N LEU A 429 15.23 -6.27 -23.13
CA LEU A 429 15.83 -6.93 -24.28
C LEU A 429 15.46 -8.41 -24.33
N GLY A 430 15.40 -9.05 -23.17
CA GLY A 430 15.04 -10.46 -23.14
C GLY A 430 13.61 -10.72 -23.57
N LYS A 431 12.70 -9.78 -23.27
CA LYS A 431 11.32 -9.90 -23.71
C LYS A 431 11.19 -9.85 -25.22
N VAL A 432 12.16 -9.22 -25.91
CA VAL A 432 12.15 -9.20 -27.37
C VAL A 432 12.21 -10.60 -27.94
N GLY A 433 12.85 -11.53 -27.22
CA GLY A 433 12.81 -12.92 -27.62
C GLY A 433 11.40 -13.48 -27.64
N THR A 434 10.67 -13.31 -26.54
CA THR A 434 9.29 -13.76 -26.49
C THR A 434 8.40 -13.06 -27.50
N ARG A 435 8.79 -11.87 -27.97
CA ARG A 435 8.00 -11.10 -28.90
C ARG A 435 8.41 -11.31 -30.36
N CYS A 436 9.57 -11.90 -30.61
CA CYS A 436 10.02 -12.00 -32.00
C CYS A 436 10.42 -13.40 -32.42
N CYS A 437 11.09 -14.16 -31.54
CA CYS A 437 11.66 -15.44 -31.95
C CYS A 437 10.62 -16.54 -32.12
N THR A 438 9.37 -16.31 -31.72
CA THR A 438 8.30 -17.24 -32.03
C THR A 438 7.64 -16.96 -33.38
N LYS A 439 7.82 -15.75 -33.91
CA LYS A 439 7.30 -15.40 -35.22
C LYS A 439 7.99 -16.24 -36.30
N PRO A 440 7.42 -16.26 -37.52
CA PRO A 440 8.10 -16.93 -38.63
C PRO A 440 9.53 -16.45 -38.83
N GLU A 441 10.35 -17.31 -39.44
CA GLU A 441 11.78 -17.06 -39.53
C GLU A 441 12.08 -15.78 -40.31
N SER A 442 11.50 -15.64 -41.50
CA SER A 442 11.79 -14.49 -42.35
C SER A 442 11.19 -13.20 -41.80
N GLU A 443 10.51 -13.24 -40.67
CA GLU A 443 10.00 -12.04 -40.01
C GLU A 443 10.63 -11.81 -38.64
N ARG A 444 11.47 -12.72 -38.17
CA ARG A 444 12.12 -12.56 -36.87
C ARG A 444 13.04 -11.35 -36.85
N MET A 445 13.73 -11.08 -37.96
CA MET A 445 14.65 -9.95 -38.00
C MET A 445 13.92 -8.61 -37.98
N PRO A 446 12.87 -8.37 -38.78
CA PRO A 446 12.16 -7.08 -38.67
C PRO A 446 11.62 -6.81 -37.28
N CYS A 447 11.09 -7.82 -36.60
CA CYS A 447 10.58 -7.63 -35.24
C CYS A 447 11.69 -7.17 -34.30
N THR A 448 12.83 -7.85 -34.32
CA THR A 448 13.91 -7.56 -33.38
C THR A 448 14.40 -6.13 -33.51
N GLU A 449 14.80 -5.73 -34.72
CA GLU A 449 15.38 -4.41 -34.92
C GLU A 449 14.39 -3.31 -34.57
N ASP A 450 13.09 -3.54 -34.81
CA ASP A 450 12.08 -2.55 -34.46
C ASP A 450 12.04 -2.32 -32.95
N TYR A 451 11.93 -3.40 -32.18
CA TYR A 451 11.85 -3.29 -30.73
C TYR A 451 13.17 -2.87 -30.11
N LEU A 452 14.29 -3.33 -30.69
CA LEU A 452 15.60 -2.95 -30.16
C LEU A 452 15.81 -1.44 -30.21
N SER A 453 15.35 -0.80 -31.29
CA SER A 453 15.46 0.65 -31.39
C SER A 453 14.60 1.36 -30.36
N LEU A 454 13.53 0.70 -29.90
CA LEU A 454 12.70 1.27 -28.84
C LEU A 454 13.32 1.08 -27.46
N ILE A 455 14.10 0.02 -27.27
CA ILE A 455 14.72 -0.25 -25.98
C ILE A 455 16.08 0.44 -25.86
N LEU A 456 16.87 0.44 -26.93
CA LEU A 456 18.13 1.16 -26.91
C LEU A 456 17.92 2.66 -26.74
N ASN A 457 16.80 3.19 -27.26
CA ASN A 457 16.46 4.58 -27.01
C ASN A 457 16.19 4.82 -25.54
N ARG A 458 15.60 3.85 -24.85
CA ARG A 458 15.36 3.97 -23.41
C ARG A 458 16.69 4.08 -22.65
N LEU A 459 17.64 3.20 -22.98
CA LEU A 459 18.96 3.27 -22.38
C LEU A 459 19.59 4.64 -22.56
N CYS A 460 19.57 5.16 -23.79
CA CYS A 460 20.11 6.49 -24.05
C CYS A 460 19.35 7.56 -23.27
N VAL A 461 18.02 7.49 -23.28
CA VAL A 461 17.21 8.47 -22.56
C VAL A 461 17.54 8.45 -21.08
N LEU A 462 17.66 7.26 -20.50
CA LEU A 462 18.04 7.16 -19.09
C LEU A 462 19.50 7.55 -18.87
N HIS A 463 20.33 7.44 -19.90
CA HIS A 463 21.77 7.68 -19.73
C HIS A 463 22.12 9.15 -19.91
N GLU A 464 21.46 9.84 -20.84
CA GLU A 464 21.74 11.25 -21.07
C GLU A 464 21.39 12.13 -19.88
N LYS A 465 20.49 11.65 -19.00
CA LYS A 465 20.20 12.37 -17.76
C LYS A 465 21.43 12.41 -16.85
N THR A 466 22.09 11.26 -16.68
CA THR A 466 23.29 11.14 -15.85
C THR A 466 24.36 10.39 -16.63
N PRO A 467 25.07 11.06 -17.53
CA PRO A 467 26.06 10.39 -18.39
C PRO A 467 27.27 9.93 -17.57
N VAL A 468 27.55 8.63 -17.63
CA VAL A 468 28.63 8.04 -16.85
C VAL A 468 29.47 7.12 -17.74
N SER A 469 28.98 6.80 -18.93
CA SER A 469 29.66 5.88 -19.84
C SER A 469 29.86 6.58 -21.18
N GLU A 470 31.12 6.65 -21.63
CA GLU A 470 31.41 7.26 -22.92
C GLU A 470 30.99 6.34 -24.06
N LYS A 471 31.16 5.03 -23.88
CA LYS A 471 30.76 4.08 -24.92
C LYS A 471 29.27 4.20 -25.25
N VAL A 472 28.45 4.46 -24.24
CA VAL A 472 27.01 4.61 -24.47
C VAL A 472 26.73 5.95 -25.16
N THR A 473 27.34 7.03 -24.65
CA THR A 473 27.15 8.34 -25.25
C THR A 473 27.52 8.34 -26.73
N LYS A 474 28.60 7.64 -27.08
CA LYS A 474 29.04 7.60 -28.47
C LYS A 474 27.98 7.00 -29.37
N CYS A 475 27.47 5.82 -29.00
CA CYS A 475 26.49 5.14 -29.85
C CYS A 475 25.15 5.85 -29.86
N CYS A 476 24.83 6.60 -28.80
CA CYS A 476 23.54 7.29 -28.73
C CYS A 476 23.52 8.59 -29.54
N THR A 477 24.67 9.24 -29.71
CA THR A 477 24.71 10.52 -30.41
C THR A 477 25.37 10.46 -31.78
N GLU A 478 26.10 9.39 -32.11
CA GLU A 478 26.69 9.25 -33.44
C GLU A 478 25.62 9.28 -34.52
N SER A 479 24.65 8.38 -34.42
CA SER A 479 23.56 8.33 -35.37
C SER A 479 22.32 7.80 -34.69
N LEU A 480 21.17 8.04 -35.31
CA LEU A 480 19.90 7.57 -34.77
C LEU A 480 19.53 6.17 -35.25
N VAL A 481 20.03 5.75 -36.42
CA VAL A 481 19.62 4.49 -37.03
C VAL A 481 20.60 3.36 -36.71
N ASN A 482 21.86 3.69 -36.46
CA ASN A 482 22.91 2.69 -36.32
C ASN A 482 23.20 2.36 -34.85
N ARG A 483 22.23 2.58 -33.96
CA ARG A 483 22.45 2.26 -32.55
C ARG A 483 22.55 0.75 -32.35
N ARG A 484 21.62 -0.01 -32.94
CA ARG A 484 21.63 -1.46 -32.77
C ARG A 484 22.94 -2.11 -33.20
N PRO A 485 23.53 -1.77 -34.36
CA PRO A 485 24.87 -2.31 -34.64
C PRO A 485 25.96 -1.69 -33.78
N CYS A 486 25.81 -0.42 -33.39
CA CYS A 486 26.84 0.20 -32.58
C CYS A 486 26.92 -0.42 -31.19
N PHE A 487 25.79 -0.87 -30.65
CA PHE A 487 25.80 -1.56 -29.36
C PHE A 487 26.23 -3.02 -29.52
N SER A 488 25.81 -3.67 -30.61
CA SER A 488 26.22 -5.05 -30.85
C SER A 488 27.70 -5.15 -31.17
N ALA A 489 28.30 -4.08 -31.71
CA ALA A 489 29.71 -4.06 -32.02
C ALA A 489 30.59 -3.70 -30.83
N LEU A 490 30.00 -3.42 -29.67
CA LEU A 490 30.78 -3.09 -28.49
C LEU A 490 31.39 -4.34 -27.88
N THR A 491 32.59 -4.20 -27.34
CA THR A 491 33.32 -5.30 -26.74
C THR A 491 33.62 -5.01 -25.28
N PRO A 492 33.77 -6.04 -24.45
CA PRO A 492 34.22 -5.81 -23.07
C PRO A 492 35.64 -5.24 -23.03
N ASP A 493 35.76 -3.99 -22.62
CA ASP A 493 37.04 -3.30 -22.65
C ASP A 493 37.80 -3.52 -21.34
N GLU A 494 39.11 -3.71 -21.47
CA GLU A 494 40.00 -3.80 -20.32
C GLU A 494 40.46 -2.44 -19.82
N THR A 495 39.73 -1.38 -20.15
CA THR A 495 39.99 -0.03 -19.65
C THR A 495 39.18 0.29 -18.40
N TYR A 496 38.32 -0.65 -17.98
CA TYR A 496 37.43 -0.45 -16.85
C TYR A 496 38.04 -1.10 -15.61
N VAL A 497 38.21 -0.32 -14.56
CA VAL A 497 38.70 -0.85 -13.29
C VAL A 497 37.53 -1.50 -12.54
N PRO A 498 37.69 -2.72 -12.04
CA PRO A 498 36.58 -3.38 -11.34
C PRO A 498 36.17 -2.62 -10.09
N LYS A 499 34.89 -2.77 -9.72
CA LYS A 499 34.38 -2.12 -8.54
C LYS A 499 34.95 -2.77 -7.28
N ALA A 500 35.23 -1.95 -6.27
CA ALA A 500 35.64 -2.48 -4.97
C ALA A 500 34.47 -3.20 -4.31
N PHE A 501 34.80 -4.17 -3.46
CA PHE A 501 33.77 -5.03 -2.90
C PHE A 501 32.86 -4.24 -1.98
N ASP A 502 31.56 -4.50 -2.07
CA ASP A 502 30.55 -3.85 -1.25
C ASP A 502 29.70 -4.94 -0.61
N GLU A 503 29.90 -5.18 0.69
CA GLU A 503 29.13 -6.20 1.39
C GLU A 503 27.64 -5.93 1.34
N LYS A 504 27.24 -4.65 1.43
CA LYS A 504 25.82 -4.32 1.48
C LYS A 504 25.11 -4.67 0.18
N LEU A 505 25.83 -4.79 -0.92
CA LEU A 505 25.23 -5.19 -2.20
C LEU A 505 25.06 -6.68 -2.33
N PHE A 506 25.49 -7.47 -1.34
CA PHE A 506 25.36 -8.92 -1.38
C PHE A 506 24.78 -9.49 -0.08
N THR A 507 24.21 -8.65 0.78
CA THR A 507 23.54 -9.11 1.98
C THR A 507 22.06 -9.27 1.71
N PHE A 508 21.49 -10.39 2.15
CA PHE A 508 20.09 -10.70 1.88
C PHE A 508 19.33 -10.88 3.20
N HIS A 509 18.06 -10.50 3.18
CA HIS A 509 17.18 -10.61 4.34
C HIS A 509 15.96 -11.44 4.00
N ALA A 510 15.15 -11.73 5.02
CA ALA A 510 13.96 -12.55 4.85
C ALA A 510 12.91 -11.90 3.98
N ASP A 511 13.04 -10.61 3.67
CA ASP A 511 12.09 -9.94 2.79
C ASP A 511 12.11 -10.51 1.38
N ILE A 512 13.20 -11.14 0.95
CA ILE A 512 13.27 -11.73 -0.38
C ILE A 512 12.24 -12.83 -0.55
N CYS A 513 11.83 -13.47 0.54
CA CYS A 513 10.80 -14.50 0.48
C CYS A 513 9.38 -13.92 0.48
N THR A 514 9.24 -12.59 0.51
CA THR A 514 7.94 -11.94 0.60
C THR A 514 7.61 -11.10 -0.61
N LEU A 515 8.58 -10.37 -1.16
CA LEU A 515 8.41 -9.42 -2.26
C LEU A 515 7.69 -10.04 -3.45
N PRO A 516 6.92 -9.25 -4.21
CA PRO A 516 6.32 -9.74 -5.47
C PRO A 516 7.32 -10.43 -6.38
N ASP A 517 6.81 -11.22 -7.34
CA ASP A 517 7.69 -12.00 -8.20
C ASP A 517 8.62 -11.10 -9.01
N THR A 518 8.05 -10.08 -9.66
CA THR A 518 8.87 -9.12 -10.39
C THR A 518 9.95 -8.52 -9.50
N GLU A 519 9.60 -8.20 -8.25
CA GLU A 519 10.59 -7.63 -7.34
C GLU A 519 11.63 -8.66 -6.93
N LYS A 520 11.23 -9.93 -6.75
CA LYS A 520 12.21 -10.97 -6.44
C LYS A 520 13.24 -11.10 -7.56
N GLN A 521 12.78 -11.11 -8.81
CA GLN A 521 13.71 -11.26 -9.92
C GLN A 521 14.58 -10.01 -10.07
N ILE A 522 13.99 -8.83 -9.88
CA ILE A 522 14.75 -7.59 -10.00
C ILE A 522 15.83 -7.52 -8.92
N LYS A 523 15.48 -7.93 -7.69
CA LYS A 523 16.46 -7.94 -6.60
C LYS A 523 17.59 -8.93 -6.89
N LYS A 524 17.26 -10.08 -7.48
CA LYS A 524 18.29 -11.06 -7.82
C LYS A 524 19.15 -10.57 -8.98
N GLN A 525 18.54 -9.94 -9.98
CA GLN A 525 19.30 -9.44 -11.12
C GLN A 525 20.12 -8.20 -10.74
N THR A 526 19.65 -7.41 -9.79
CA THR A 526 20.45 -6.29 -9.30
C THR A 526 21.73 -6.77 -8.65
N ALA A 527 21.63 -7.80 -7.80
CA ALA A 527 22.83 -8.38 -7.20
C ALA A 527 23.72 -9.04 -8.24
N LEU A 528 23.13 -9.56 -9.32
CA LEU A 528 23.93 -10.15 -10.39
C LEU A 528 24.76 -9.07 -11.09
N VAL A 529 24.15 -7.93 -11.38
CA VAL A 529 24.87 -6.85 -12.06
C VAL A 529 26.03 -6.38 -11.21
N GLU A 530 25.80 -6.18 -9.91
CA GLU A 530 26.87 -5.80 -9.01
C GLU A 530 27.99 -6.84 -8.96
N LEU A 531 27.64 -8.11 -9.17
CA LEU A 531 28.65 -9.17 -9.16
C LEU A 531 29.65 -8.98 -10.29
N LEU A 532 29.17 -8.62 -11.49
CA LEU A 532 30.08 -8.41 -12.61
C LEU A 532 30.82 -7.08 -12.52
N LYS A 533 30.18 -6.04 -11.98
CA LYS A 533 30.88 -4.79 -11.73
C LYS A 533 32.09 -4.99 -10.84
N HIS A 534 32.09 -6.03 -10.00
CA HIS A 534 33.23 -6.34 -9.15
C HIS A 534 34.19 -7.33 -9.80
N LYS A 535 33.66 -8.37 -10.47
CA LYS A 535 34.45 -9.38 -11.15
C LYS A 535 34.07 -9.36 -12.63
N PRO A 536 34.58 -8.37 -13.40
CA PRO A 536 34.17 -8.25 -14.80
C PRO A 536 34.64 -9.39 -15.69
N LYS A 537 35.59 -10.21 -15.26
CA LYS A 537 36.18 -11.25 -16.09
C LYS A 537 35.79 -12.65 -15.66
N ALA A 538 34.90 -12.80 -14.69
CA ALA A 538 34.47 -14.12 -14.25
C ALA A 538 33.86 -14.89 -15.41
N THR A 539 34.31 -16.13 -15.59
CA THR A 539 33.93 -16.94 -16.75
C THR A 539 32.50 -17.45 -16.60
N GLU A 540 31.98 -17.99 -17.71
CA GLU A 540 30.60 -18.48 -17.73
C GLU A 540 30.42 -19.70 -16.85
N GLU A 541 31.44 -20.56 -16.73
CA GLU A 541 31.33 -21.73 -15.87
C GLU A 541 31.24 -21.33 -14.41
N GLN A 542 32.01 -20.32 -13.99
CA GLN A 542 31.93 -19.85 -12.61
C GLN A 542 30.61 -19.15 -12.33
N LEU A 543 30.17 -18.30 -13.25
CA LEU A 543 28.87 -17.64 -13.09
C LEU A 543 27.75 -18.66 -12.99
N LYS A 544 27.83 -19.74 -13.78
CA LYS A 544 26.88 -20.84 -13.63
C LYS A 544 26.89 -21.39 -12.22
N THR A 545 28.08 -21.65 -11.67
CA THR A 545 28.20 -22.19 -10.32
C THR A 545 27.54 -21.27 -9.30
N VAL A 546 27.85 -19.96 -9.36
CA VAL A 546 27.32 -19.02 -8.38
C VAL A 546 25.80 -18.97 -8.43
N MET A 547 25.23 -18.99 -9.64
CA MET A 547 23.77 -18.89 -9.78
C MET A 547 23.07 -20.04 -9.06
N GLU A 548 23.53 -21.27 -9.30
CA GLU A 548 22.94 -22.42 -8.60
C GLU A 548 23.16 -22.32 -7.09
N ASN A 549 24.33 -21.86 -6.66
CA ASN A 549 24.58 -21.69 -5.24
C ASN A 549 23.63 -20.68 -4.61
N PHE A 550 23.22 -19.66 -5.38
CA PHE A 550 22.30 -18.66 -4.85
C PHE A 550 20.87 -19.17 -4.81
N VAL A 551 20.47 -19.95 -5.81
CA VAL A 551 19.13 -20.56 -5.80
C VAL A 551 18.96 -21.45 -4.59
N ALA A 552 19.90 -22.39 -4.38
CA ALA A 552 19.87 -23.23 -3.20
C ALA A 552 19.91 -22.43 -1.91
N PHE A 553 20.55 -21.26 -1.93
CA PHE A 553 20.59 -20.40 -0.75
C PHE A 553 19.21 -19.83 -0.45
N VAL A 554 18.52 -19.34 -1.48
CA VAL A 554 17.23 -18.69 -1.27
C VAL A 554 16.18 -19.70 -0.87
N ASP A 555 16.14 -20.85 -1.57
CA ASP A 555 15.15 -21.87 -1.27
C ASP A 555 15.33 -22.43 0.14
N LYS A 556 16.58 -22.65 0.56
CA LYS A 556 16.85 -23.19 1.89
C LYS A 556 16.28 -22.29 2.99
N CYS A 557 16.54 -20.99 2.90
CA CYS A 557 16.21 -20.08 4.00
C CYS A 557 14.77 -19.61 3.98
N CYS A 558 14.10 -19.65 2.84
CA CYS A 558 12.67 -19.34 2.79
C CYS A 558 11.80 -20.47 3.32
N ALA A 559 12.42 -21.56 3.81
CA ALA A 559 11.68 -22.72 4.30
C ALA A 559 11.90 -23.03 5.77
N ALA A 560 13.02 -22.59 6.36
CA ALA A 560 13.32 -22.93 7.74
C ALA A 560 12.33 -22.25 8.69
N ASP A 561 12.36 -22.69 9.95
CA ASP A 561 11.47 -22.13 10.95
C ASP A 561 11.83 -20.69 11.29
N ASP A 562 13.11 -20.32 11.15
CA ASP A 562 13.58 -18.97 11.46
C ASP A 562 14.33 -18.46 10.22
N LYS A 563 13.65 -17.64 9.41
CA LYS A 563 14.27 -17.11 8.20
C LYS A 563 15.43 -16.18 8.53
N GLU A 564 15.29 -15.39 9.60
CA GLU A 564 16.32 -14.41 9.93
C GLU A 564 17.64 -15.10 10.28
N ALA A 565 17.60 -16.13 11.13
CA ALA A 565 18.82 -16.82 11.51
C ALA A 565 19.43 -17.60 10.35
N CYS A 566 18.62 -18.00 9.38
CA CYS A 566 19.16 -18.74 8.24
C CYS A 566 19.97 -17.83 7.33
N PHE A 567 19.37 -16.71 6.90
CA PHE A 567 20.13 -15.71 6.15
C PHE A 567 21.33 -15.21 6.95
N ALA A 568 21.18 -15.11 8.27
CA ALA A 568 22.29 -14.71 9.13
C ALA A 568 23.49 -15.63 8.95
N VAL A 569 23.26 -16.95 8.98
CA VAL A 569 24.36 -17.89 8.96
C VAL A 569 24.81 -18.18 7.54
N GLU A 570 23.87 -18.51 6.65
CA GLU A 570 24.22 -18.94 5.30
C GLU A 570 24.70 -17.80 4.42
N GLY A 571 24.32 -16.55 4.73
CA GLY A 571 24.72 -15.41 3.96
C GLY A 571 26.22 -15.29 3.82
N PRO A 572 26.92 -15.08 4.94
CA PRO A 572 28.39 -15.05 4.90
C PRO A 572 29.02 -16.25 4.21
N LYS A 573 28.46 -17.44 4.40
CA LYS A 573 29.00 -18.64 3.74
C LYS A 573 29.00 -18.47 2.22
N LEU A 574 27.90 -17.97 1.66
CA LEU A 574 27.82 -17.77 0.22
C LEU A 574 28.89 -16.82 -0.28
N VAL A 575 29.09 -15.70 0.43
CA VAL A 575 30.10 -14.72 0.03
C VAL A 575 31.48 -15.36 -0.03
N VAL A 576 31.81 -16.20 0.96
CA VAL A 576 33.12 -16.85 0.99
C VAL A 576 33.32 -17.74 -0.23
N SER A 577 32.38 -18.66 -0.45
CA SER A 577 32.51 -19.60 -1.57
C SER A 577 32.53 -18.86 -2.92
N THR A 578 31.77 -17.77 -3.03
CA THR A 578 31.77 -17.00 -4.26
C THR A 578 33.10 -16.27 -4.44
N GLN A 579 33.56 -15.57 -3.41
CA GLN A 579 34.86 -14.91 -3.48
C GLN A 579 35.99 -15.90 -3.73
N THR A 580 35.87 -17.14 -3.25
CA THR A 580 36.89 -18.14 -3.49
C THR A 580 36.84 -18.62 -4.94
N ALA A 581 35.65 -18.95 -5.43
CA ALA A 581 35.52 -19.48 -6.79
C ALA A 581 35.85 -18.43 -7.85
N LEU A 582 35.63 -17.15 -7.54
CA LEU A 582 35.83 -16.08 -8.51
C LEU A 582 37.13 -15.30 -8.31
N ALA A 583 37.79 -15.45 -7.17
CA ALA A 583 39.02 -14.71 -6.91
C ALA A 583 40.03 -15.57 -6.16
N THR B 2 -23.16 30.88 38.21
CA THR B 2 -23.44 29.86 37.20
C THR B 2 -22.34 29.78 36.15
N HIS B 3 -21.43 28.81 36.33
CA HIS B 3 -20.47 28.48 35.29
C HIS B 3 -21.26 28.07 34.05
N LYS B 4 -21.42 29.00 33.10
CA LYS B 4 -22.41 28.87 32.05
C LYS B 4 -21.85 28.43 30.70
N SER B 5 -20.54 28.36 30.53
CA SER B 5 -19.96 27.96 29.24
C SER B 5 -19.03 26.77 29.49
N GLU B 6 -19.55 25.57 29.21
CA GLU B 6 -18.75 24.36 29.39
C GLU B 6 -17.59 24.32 28.40
N ILE B 7 -17.84 24.74 27.15
CA ILE B 7 -16.80 24.66 26.11
C ILE B 7 -15.60 25.52 26.48
N ALA B 8 -15.83 26.69 27.06
CA ALA B 8 -14.71 27.55 27.47
C ALA B 8 -13.99 26.96 28.68
N HIS B 9 -14.74 26.39 29.62
CA HIS B 9 -14.13 25.77 30.80
C HIS B 9 -13.15 24.67 30.39
N ARG B 10 -13.47 23.93 29.32
CA ARG B 10 -12.58 22.86 28.87
C ARG B 10 -11.33 23.42 28.21
N PHE B 11 -11.48 24.43 27.35
CA PHE B 11 -10.34 25.01 26.65
C PHE B 11 -9.30 25.55 27.63
N LYS B 12 -9.73 26.35 28.61
CA LYS B 12 -8.80 26.94 29.56
C LYS B 12 -8.06 25.88 30.36
N ASP B 13 -8.74 24.79 30.72
CA ASP B 13 -8.15 23.82 31.63
C ASP B 13 -7.17 22.88 30.93
N LEU B 14 -7.43 22.51 29.68
CA LEU B 14 -6.59 21.54 28.98
C LEU B 14 -5.57 22.17 28.04
N GLY B 15 -5.82 23.38 27.54
CA GLY B 15 -4.93 23.99 26.58
C GLY B 15 -5.25 23.57 25.15
N GLU B 16 -4.76 24.38 24.21
CA GLU B 16 -5.11 24.20 22.80
C GLU B 16 -4.59 22.86 22.27
N GLU B 17 -3.34 22.53 22.59
CA GLU B 17 -2.73 21.31 22.05
C GLU B 17 -3.50 20.06 22.48
N HIS B 18 -3.79 19.96 23.79
CA HIS B 18 -4.57 18.84 24.29
C HIS B 18 -5.98 18.83 23.71
N PHE B 19 -6.63 20.00 23.72
CA PHE B 19 -8.00 20.12 23.24
C PHE B 19 -8.13 19.58 21.81
N LYS B 20 -7.32 20.11 20.88
CA LYS B 20 -7.35 19.64 19.50
C LYS B 20 -7.10 18.14 19.43
N GLY B 21 -6.16 17.63 20.24
CA GLY B 21 -5.90 16.20 20.26
C GLY B 21 -7.12 15.38 20.63
N LEU B 22 -7.76 15.72 21.75
CA LEU B 22 -8.88 14.92 22.23
C LEU B 22 -10.09 15.02 21.30
N VAL B 23 -10.32 16.17 20.67
CA VAL B 23 -11.42 16.29 19.73
C VAL B 23 -11.19 15.41 18.52
N LEU B 24 -9.93 15.29 18.07
CA LEU B 24 -9.62 14.39 16.97
C LEU B 24 -9.88 12.94 17.37
N ILE B 25 -9.64 12.59 18.64
CA ILE B 25 -9.98 11.24 19.12
C ILE B 25 -11.47 11.00 18.99
N ALA B 26 -12.27 11.91 19.57
CA ALA B 26 -13.72 11.74 19.58
C ALA B 26 -14.28 11.59 18.17
N PHE B 27 -13.83 12.44 17.24
CA PHE B 27 -14.34 12.35 15.87
C PHE B 27 -13.84 11.10 15.17
N SER B 28 -12.61 10.66 15.47
CA SER B 28 -12.08 9.46 14.84
C SER B 28 -12.79 8.20 15.32
N GLN B 29 -13.15 8.15 16.62
CA GLN B 29 -13.83 6.98 17.15
C GLN B 29 -15.31 6.96 16.77
N TYR B 30 -15.91 8.12 16.54
CA TYR B 30 -17.31 8.17 16.11
C TYR B 30 -17.45 7.86 14.62
N LEU B 31 -16.62 8.49 13.79
CA LEU B 31 -16.60 8.27 12.35
C LEU B 31 -15.25 7.64 12.01
N GLN B 32 -15.22 6.31 11.97
CA GLN B 32 -13.97 5.57 11.83
C GLN B 32 -13.52 5.41 10.37
N GLN B 33 -14.42 5.57 9.40
CA GLN B 33 -14.08 5.42 8.00
C GLN B 33 -13.77 6.75 7.32
N CYS B 34 -14.16 7.88 7.92
CA CYS B 34 -13.92 9.18 7.30
C CYS B 34 -12.42 9.42 7.16
N PRO B 35 -11.99 10.05 6.06
CA PRO B 35 -10.56 10.31 5.88
C PRO B 35 -10.00 11.22 6.96
N PHE B 36 -8.67 11.24 7.04
CA PHE B 36 -7.99 12.05 8.05
C PHE B 36 -8.24 13.54 7.80
N ASP B 37 -8.15 13.98 6.54
CA ASP B 37 -8.28 15.41 6.23
C ASP B 37 -9.66 15.94 6.61
N GLU B 38 -10.71 15.15 6.38
CA GLU B 38 -12.06 15.59 6.70
C GLU B 38 -12.20 15.88 8.19
N HIS B 39 -11.50 15.15 9.04
CA HIS B 39 -11.57 15.37 10.48
C HIS B 39 -10.80 16.62 10.91
N VAL B 40 -9.78 16.99 10.15
CA VAL B 40 -8.97 18.17 10.51
C VAL B 40 -9.82 19.44 10.41
N LYS B 41 -10.62 19.56 9.35
CA LYS B 41 -11.50 20.72 9.21
C LYS B 41 -12.53 20.78 10.33
N LEU B 42 -13.12 19.63 10.68
CA LEU B 42 -14.10 19.59 11.76
C LEU B 42 -13.47 20.01 13.09
N VAL B 43 -12.27 19.49 13.39
CA VAL B 43 -11.56 19.91 14.59
C VAL B 43 -11.25 21.40 14.55
N ASN B 44 -10.71 21.87 13.42
CA ASN B 44 -10.35 23.28 13.29
C ASN B 44 -11.58 24.18 13.40
N GLU B 45 -12.70 23.77 12.79
CA GLU B 45 -13.93 24.55 12.90
C GLU B 45 -14.36 24.69 14.35
N LEU B 46 -14.45 23.57 15.06
CA LEU B 46 -14.84 23.62 16.47
C LEU B 46 -13.78 24.33 17.31
N THR B 47 -12.53 24.32 16.87
CA THR B 47 -11.46 24.99 17.62
C THR B 47 -11.64 26.51 17.58
N GLU B 48 -11.88 27.06 16.39
CA GLU B 48 -12.10 28.51 16.28
C GLU B 48 -13.32 28.93 17.09
N PHE B 49 -14.40 28.14 17.04
CA PHE B 49 -15.58 28.43 17.84
C PHE B 49 -15.25 28.42 19.33
N ALA B 50 -14.46 27.45 19.77
CA ALA B 50 -14.05 27.39 21.18
C ALA B 50 -13.33 28.67 21.60
N LYS B 51 -12.40 29.14 20.77
CA LYS B 51 -11.69 30.39 21.07
C LYS B 51 -12.65 31.56 21.16
N THR B 52 -13.74 31.54 20.38
CA THR B 52 -14.71 32.63 20.41
C THR B 52 -15.46 32.67 21.74
N CYS B 53 -15.71 31.51 22.34
CA CYS B 53 -16.45 31.47 23.61
C CYS B 53 -15.59 31.92 24.78
N VAL B 54 -14.28 31.66 24.74
CA VAL B 54 -13.40 32.16 25.80
C VAL B 54 -13.33 33.67 25.76
N ALA B 55 -13.26 34.25 24.57
CA ALA B 55 -13.26 35.71 24.43
C ALA B 55 -14.59 36.29 24.89
N ASP B 56 -15.69 35.82 24.31
CA ASP B 56 -17.03 36.27 24.65
C ASP B 56 -17.83 35.04 25.09
N GLU B 57 -18.24 35.03 26.36
CA GLU B 57 -18.97 33.88 26.90
C GLU B 57 -20.47 33.96 26.59
N SER B 58 -21.01 35.17 26.45
CA SER B 58 -22.41 35.36 26.08
C SER B 58 -22.68 35.10 24.60
N HIS B 59 -21.65 34.74 23.82
CA HIS B 59 -21.83 34.49 22.40
C HIS B 59 -22.76 33.30 22.17
N ALA B 60 -23.53 33.40 21.08
CA ALA B 60 -24.56 32.40 20.78
C ALA B 60 -23.94 31.00 20.68
N GLY B 61 -24.57 30.05 21.37
CA GLY B 61 -24.17 28.65 21.31
C GLY B 61 -23.13 28.23 22.31
N CYS B 62 -22.56 29.17 23.08
CA CYS B 62 -21.50 28.82 24.02
C CYS B 62 -22.02 28.06 25.24
N GLU B 63 -23.33 28.11 25.52
CA GLU B 63 -23.88 27.46 26.70
C GLU B 63 -24.41 26.06 26.42
N LYS B 64 -24.41 25.61 25.18
CA LYS B 64 -24.93 24.29 24.87
C LYS B 64 -24.00 23.20 25.37
N SER B 65 -24.55 22.00 25.55
CA SER B 65 -23.80 20.88 26.09
C SER B 65 -22.77 20.37 25.09
N LEU B 66 -21.69 19.80 25.63
CA LEU B 66 -20.60 19.28 24.80
C LEU B 66 -21.11 18.39 23.67
N HIS B 67 -21.92 17.39 24.01
CA HIS B 67 -22.42 16.45 23.00
C HIS B 67 -23.30 17.15 21.97
N THR B 68 -23.98 18.23 22.36
CA THR B 68 -24.82 18.96 21.41
C THR B 68 -23.98 19.54 20.27
N LEU B 69 -22.94 20.32 20.60
CA LEU B 69 -22.07 20.88 19.57
C LEU B 69 -21.37 19.79 18.78
N PHE B 70 -20.83 18.78 19.48
CA PHE B 70 -20.20 17.64 18.80
C PHE B 70 -21.18 16.98 17.82
N GLY B 71 -22.39 16.70 18.27
CA GLY B 71 -23.38 16.11 17.38
C GLY B 71 -23.73 17.00 16.20
N ASP B 72 -23.79 18.32 16.45
CA ASP B 72 -24.13 19.25 15.38
C ASP B 72 -23.13 19.18 14.23
N GLU B 73 -21.84 19.11 14.55
CA GLU B 73 -20.84 19.03 13.49
C GLU B 73 -20.85 17.68 12.80
N LEU B 74 -21.21 16.61 13.54
CA LEU B 74 -21.31 15.29 12.94
C LEU B 74 -22.46 15.23 11.94
N CYS B 75 -23.55 15.95 12.21
CA CYS B 75 -24.70 15.91 11.31
C CYS B 75 -24.45 16.65 10.01
N LYS B 76 -23.45 17.52 9.96
CA LYS B 76 -23.12 18.29 8.77
C LYS B 76 -22.27 17.51 7.78
N VAL B 77 -21.86 16.28 8.13
CA VAL B 77 -21.04 15.48 7.23
C VAL B 77 -21.87 15.09 6.02
N ALA B 78 -21.44 15.54 4.84
CA ALA B 78 -22.19 15.28 3.61
C ALA B 78 -22.29 13.80 3.29
N SER B 79 -21.35 12.99 3.78
CA SER B 79 -21.29 11.57 3.46
C SER B 79 -21.81 10.69 4.59
N LEU B 80 -22.66 11.22 5.47
CA LEU B 80 -23.13 10.44 6.61
C LEU B 80 -23.95 9.24 6.17
N ARG B 81 -24.97 9.47 5.34
CA ARG B 81 -25.84 8.38 4.90
C ARG B 81 -25.08 7.39 4.01
N GLU B 82 -24.60 7.87 2.87
CA GLU B 82 -24.00 6.98 1.87
C GLU B 82 -22.81 6.17 2.39
N THR B 83 -22.22 6.57 3.51
CA THR B 83 -21.07 5.85 4.08
C THR B 83 -21.40 5.07 5.33
N TYR B 84 -22.29 5.57 6.19
CA TYR B 84 -22.60 4.90 7.44
C TYR B 84 -24.07 4.47 7.55
N GLY B 85 -24.85 4.62 6.48
CA GLY B 85 -26.18 4.05 6.46
C GLY B 85 -27.09 4.57 7.56
N ASP B 86 -27.65 3.64 8.33
CA ASP B 86 -28.61 3.97 9.38
C ASP B 86 -28.08 4.98 10.39
N MET B 87 -26.76 5.18 10.44
CA MET B 87 -26.19 6.21 11.31
C MET B 87 -26.82 7.58 11.04
N ALA B 88 -27.22 7.84 9.79
CA ALA B 88 -27.78 9.13 9.42
C ALA B 88 -29.15 9.37 10.04
N ASP B 89 -29.76 8.36 10.65
CA ASP B 89 -31.03 8.53 11.36
C ASP B 89 -30.82 8.96 12.80
N CYS B 90 -29.58 8.95 13.30
CA CYS B 90 -29.32 9.50 14.63
C CYS B 90 -29.63 10.98 14.68
N CYS B 91 -29.35 11.70 13.59
CA CYS B 91 -29.53 13.15 13.53
C CYS B 91 -30.98 13.58 13.54
N GLU B 92 -31.94 12.65 13.52
CA GLU B 92 -33.35 12.98 13.68
C GLU B 92 -33.79 12.99 15.13
N LYS B 93 -32.89 12.70 16.07
CA LYS B 93 -33.20 12.60 17.49
C LYS B 93 -32.73 13.83 18.24
N GLN B 94 -33.30 14.03 19.42
CA GLN B 94 -32.84 15.05 20.35
C GLN B 94 -31.70 14.52 21.21
N GLU B 95 -31.04 15.43 21.89
CA GLU B 95 -30.11 15.02 22.92
C GLU B 95 -30.88 14.58 24.16
N PRO B 96 -30.42 13.55 24.88
CA PRO B 96 -29.21 12.76 24.66
C PRO B 96 -29.44 11.49 23.83
N GLU B 97 -30.68 11.23 23.41
CA GLU B 97 -30.95 10.05 22.60
C GLU B 97 -30.15 10.07 21.30
N ARG B 98 -29.86 11.26 20.78
CA ARG B 98 -29.08 11.37 19.56
C ARG B 98 -27.67 10.85 19.76
N ASN B 99 -26.99 11.31 20.82
CA ASN B 99 -25.61 10.89 21.06
C ASN B 99 -25.52 9.39 21.33
N GLU B 100 -26.47 8.85 22.11
CA GLU B 100 -26.48 7.41 22.37
C GLU B 100 -26.64 6.62 21.07
N CYS B 101 -27.34 7.18 20.08
CA CYS B 101 -27.46 6.51 18.79
C CYS B 101 -26.12 6.37 18.10
N PHE B 102 -25.22 7.36 18.27
CA PHE B 102 -23.90 7.28 17.68
C PHE B 102 -23.07 6.16 18.30
N LEU B 103 -22.93 6.19 19.64
CA LEU B 103 -22.13 5.17 20.33
C LEU B 103 -22.56 3.77 19.96
N SER B 104 -23.88 3.54 19.84
CA SER B 104 -24.38 2.21 19.46
C SER B 104 -23.89 1.76 18.09
N HIS B 105 -23.28 2.65 17.32
CA HIS B 105 -22.76 2.32 16.00
C HIS B 105 -21.25 2.23 15.97
N LYS B 106 -20.59 2.36 17.12
CA LYS B 106 -19.15 2.18 17.19
C LYS B 106 -18.78 0.75 16.81
N ASP B 107 -17.93 0.61 15.79
CA ASP B 107 -17.59 -0.69 15.23
C ASP B 107 -16.31 -1.19 15.89
N ASP B 108 -16.42 -2.31 16.61
CA ASP B 108 -15.26 -2.91 17.26
C ASP B 108 -14.44 -3.77 16.31
N SER B 109 -14.95 -4.07 15.12
CA SER B 109 -14.21 -4.79 14.08
C SER B 109 -14.30 -3.99 12.80
N PRO B 110 -13.56 -2.88 12.71
CA PRO B 110 -13.78 -1.93 11.60
C PRO B 110 -13.29 -2.43 10.24
N ASP B 111 -12.54 -3.53 10.20
CA ASP B 111 -12.05 -4.12 8.95
C ASP B 111 -11.08 -3.19 8.22
N LEU B 112 -10.33 -2.39 8.96
CA LEU B 112 -9.45 -1.39 8.38
C LEU B 112 -8.11 -2.01 7.95
N PRO B 113 -7.49 -1.49 6.88
CA PRO B 113 -6.21 -2.01 6.40
C PRO B 113 -5.13 -2.14 7.48
N LYS B 114 -4.16 -3.01 7.22
CA LYS B 114 -3.05 -3.26 8.14
C LYS B 114 -1.89 -2.34 7.82
N LEU B 115 -1.51 -1.51 8.80
CA LEU B 115 -0.39 -0.59 8.61
C LEU B 115 0.92 -1.37 8.49
N LYS B 116 1.61 -1.19 7.37
CA LYS B 116 2.95 -1.72 7.18
C LYS B 116 3.93 -0.55 7.17
N PRO B 117 4.45 -0.13 8.31
CA PRO B 117 5.30 1.08 8.33
C PRO B 117 6.68 0.80 7.75
N ASP B 118 7.07 1.63 6.78
CA ASP B 118 8.40 1.58 6.19
C ASP B 118 9.21 2.75 6.72
N PRO B 119 10.40 2.51 7.27
CA PRO B 119 11.08 3.58 8.03
C PRO B 119 11.48 4.78 7.19
N ASN B 120 11.75 4.59 5.89
CA ASN B 120 12.14 5.71 5.05
C ASN B 120 11.02 6.73 4.92
N THR B 121 9.86 6.30 4.40
CA THR B 121 8.74 7.22 4.23
C THR B 121 8.17 7.70 5.56
N LEU B 122 8.30 6.90 6.63
CA LEU B 122 7.77 7.33 7.93
C LEU B 122 8.63 8.42 8.54
N CYS B 123 9.96 8.23 8.55
CA CYS B 123 10.85 9.29 9.01
C CYS B 123 10.73 10.53 8.13
N ASP B 124 10.29 10.38 6.88
CA ASP B 124 10.15 11.53 6.00
C ASP B 124 8.98 12.43 6.41
N GLU B 125 7.87 11.83 6.81
CA GLU B 125 6.73 12.63 7.26
C GLU B 125 6.96 13.24 8.64
N PHE B 126 7.89 12.67 9.43
CA PHE B 126 8.16 13.22 10.75
C PHE B 126 8.89 14.56 10.63
N LYS B 127 9.98 14.60 9.89
CA LYS B 127 10.69 15.86 9.69
C LYS B 127 9.84 16.86 8.92
N ALA B 128 9.01 16.38 7.99
CA ALA B 128 8.15 17.27 7.20
C ALA B 128 7.24 18.10 8.11
N ASP B 129 6.47 17.43 8.97
CA ASP B 129 5.56 18.14 9.87
C ASP B 129 5.36 17.25 11.08
N GLU B 130 5.82 17.72 12.25
CA GLU B 130 5.69 16.94 13.47
C GLU B 130 4.24 16.92 13.98
N LYS B 131 3.46 17.94 13.66
CA LYS B 131 2.09 18.01 14.16
C LYS B 131 1.15 17.11 13.35
N LYS B 132 1.29 17.08 12.03
CA LYS B 132 0.43 16.23 11.21
C LYS B 132 0.68 14.77 11.51
N PHE B 133 1.96 14.35 11.53
CA PHE B 133 2.30 12.99 11.89
C PHE B 133 1.77 12.65 13.28
N TRP B 134 1.94 13.58 14.23
CA TRP B 134 1.35 13.40 15.56
C TRP B 134 -0.15 13.16 15.47
N GLY B 135 -0.84 14.01 14.71
CA GLY B 135 -2.28 13.82 14.51
C GLY B 135 -2.59 12.55 13.74
N LYS B 136 -1.78 12.23 12.74
CA LYS B 136 -2.02 11.05 11.92
C LYS B 136 -1.97 9.77 12.75
N TYR B 137 -0.98 9.67 13.64
CA TYR B 137 -0.93 8.53 14.56
C TYR B 137 -2.17 8.49 15.44
N LEU B 138 -2.52 9.64 16.02
CA LEU B 138 -3.75 9.77 16.80
C LEU B 138 -4.96 9.26 16.02
N TYR B 139 -5.17 9.81 14.82
CA TYR B 139 -6.34 9.45 14.02
C TYR B 139 -6.36 7.97 13.67
N GLU B 140 -5.19 7.36 13.49
CA GLU B 140 -5.14 5.97 13.05
C GLU B 140 -5.39 5.00 14.20
N ILE B 141 -4.92 5.33 15.40
CA ILE B 141 -5.11 4.44 16.55
C ILE B 141 -6.56 4.51 17.04
N ALA B 142 -7.15 5.71 17.05
CA ALA B 142 -8.49 5.87 17.59
C ALA B 142 -9.56 5.26 16.69
N ARG B 143 -9.32 5.24 15.37
CA ARG B 143 -10.34 4.74 14.46
C ARG B 143 -10.43 3.22 14.43
N ARG B 144 -9.37 2.52 14.83
CA ARG B 144 -9.40 1.06 14.93
C ARG B 144 -9.78 0.59 16.32
N HIS B 145 -9.66 1.46 17.33
CA HIS B 145 -10.05 1.15 18.70
C HIS B 145 -10.92 2.31 19.17
N PRO B 146 -12.22 2.26 18.90
CA PRO B 146 -13.09 3.42 19.18
C PRO B 146 -13.45 3.57 20.66
N TYR B 147 -12.94 2.71 21.54
CA TYR B 147 -13.16 2.82 22.97
C TYR B 147 -11.85 3.11 23.71
N PHE B 148 -10.83 3.56 23.00
CA PHE B 148 -9.51 3.78 23.60
C PHE B 148 -9.58 4.84 24.71
N TYR B 149 -8.85 4.57 25.78
CA TYR B 149 -8.67 5.54 26.85
C TYR B 149 -7.98 6.77 26.28
N ALA B 150 -8.73 7.84 26.06
CA ALA B 150 -8.30 8.95 25.23
C ALA B 150 -7.11 9.72 25.80
N PRO B 151 -7.08 10.04 27.10
CA PRO B 151 -5.89 10.75 27.62
C PRO B 151 -4.61 9.94 27.55
N GLU B 152 -4.70 8.61 27.53
CA GLU B 152 -3.50 7.80 27.35
C GLU B 152 -3.05 7.79 25.90
N LEU B 153 -3.97 7.93 24.96
CA LEU B 153 -3.60 7.98 23.54
C LEU B 153 -2.70 9.18 23.26
N LEU B 154 -2.97 10.32 23.91
CA LEU B 154 -2.09 11.47 23.79
C LEU B 154 -0.71 11.16 24.36
N TYR B 155 -0.67 10.51 25.53
CA TYR B 155 0.60 10.07 26.09
C TYR B 155 1.34 9.15 25.13
N TYR B 156 0.63 8.15 24.58
CA TYR B 156 1.25 7.28 23.59
C TYR B 156 1.64 8.07 22.34
N ALA B 157 0.86 9.09 21.98
CA ALA B 157 1.19 9.88 20.80
C ALA B 157 2.46 10.68 20.98
N ASN B 158 2.72 11.17 22.20
CA ASN B 158 3.95 11.91 22.45
C ASN B 158 5.16 10.99 22.47
N LYS B 159 5.03 9.81 23.09
CA LYS B 159 6.12 8.84 23.08
C LYS B 159 6.41 8.32 21.68
N TYR B 160 5.45 8.45 20.76
CA TYR B 160 5.69 8.06 19.37
C TYR B 160 6.70 8.99 18.72
N ASN B 161 6.42 10.29 18.72
CA ASN B 161 7.36 11.27 18.18
C ASN B 161 8.72 11.20 18.87
N GLY B 162 8.75 10.78 20.13
CA GLY B 162 10.02 10.65 20.82
C GLY B 162 10.93 9.61 20.20
N VAL B 163 10.36 8.47 19.80
CA VAL B 163 11.16 7.44 19.12
C VAL B 163 11.72 7.99 17.81
N PHE B 164 10.89 8.70 17.05
CA PHE B 164 11.35 9.26 15.79
C PHE B 164 12.39 10.35 15.99
N GLN B 165 12.19 11.22 16.99
CA GLN B 165 13.16 12.26 17.31
C GLN B 165 14.55 11.69 17.55
N GLU B 166 14.65 10.49 18.10
CA GLU B 166 15.94 9.90 18.43
C GLU B 166 16.42 8.88 17.40
N CYS B 167 15.53 8.31 16.59
CA CYS B 167 15.91 7.31 15.60
C CYS B 167 16.13 7.90 14.21
N CYS B 168 15.34 8.90 13.80
CA CYS B 168 15.47 9.46 12.46
C CYS B 168 16.78 10.22 12.25
N GLN B 169 17.63 10.34 13.27
CA GLN B 169 18.93 10.97 13.14
C GLN B 169 20.08 9.98 13.18
N ALA B 170 19.78 8.68 13.23
CA ALA B 170 20.80 7.64 13.21
C ALA B 170 21.09 7.22 11.77
N GLU B 171 22.18 6.46 11.60
CA GLU B 171 22.57 6.04 10.26
C GLU B 171 21.64 4.97 9.71
N ASP B 172 21.17 4.07 10.57
CA ASP B 172 20.25 3.01 10.18
C ASP B 172 18.94 3.26 10.92
N LYS B 173 18.07 4.07 10.32
CA LYS B 173 16.77 4.35 10.91
C LYS B 173 16.00 3.08 11.20
N GLY B 174 15.89 2.19 10.20
CA GLY B 174 15.13 0.96 10.37
C GLY B 174 15.53 0.16 11.60
N ALA B 175 16.83 0.00 11.82
CA ALA B 175 17.30 -0.77 12.97
C ALA B 175 16.89 -0.12 14.29
N CYS B 176 16.68 1.20 14.29
CA CYS B 176 16.32 1.92 15.51
C CYS B 176 14.81 1.98 15.72
N LEU B 177 14.03 2.17 14.65
CA LEU B 177 12.61 2.40 14.80
C LEU B 177 11.84 1.11 15.12
N LEU B 178 12.01 0.09 14.28
CA LEU B 178 11.14 -1.08 14.36
C LEU B 178 11.13 -1.81 15.70
N PRO B 179 12.23 -1.93 16.45
CA PRO B 179 12.12 -2.61 17.77
C PRO B 179 11.33 -1.83 18.80
N LYS B 180 11.39 -0.49 18.80
CA LYS B 180 10.63 0.28 19.79
C LYS B 180 9.14 0.31 19.45
N ILE B 181 8.80 0.52 18.17
CA ILE B 181 7.39 0.64 17.81
C ILE B 181 6.67 -0.69 18.02
N GLU B 182 7.36 -1.81 17.77
CA GLU B 182 6.76 -3.12 18.06
C GLU B 182 6.62 -3.35 19.55
N THR B 183 7.66 -3.00 20.33
CA THR B 183 7.53 -3.05 21.79
C THR B 183 6.41 -2.13 22.27
N MET B 184 6.15 -1.04 21.55
CA MET B 184 5.05 -0.16 21.88
C MET B 184 3.72 -0.72 21.39
N ARG B 185 3.70 -1.28 20.18
CA ARG B 185 2.45 -1.78 19.61
C ARG B 185 1.79 -2.81 20.53
N GLU B 186 2.58 -3.63 21.20
CA GLU B 186 2.01 -4.59 22.14
C GLU B 186 1.40 -3.89 23.35
N LYS B 187 2.04 -2.82 23.81
CA LYS B 187 1.54 -2.11 24.99
C LYS B 187 0.26 -1.35 24.70
N VAL B 188 0.14 -0.78 23.50
CA VAL B 188 -1.05 0.00 23.17
C VAL B 188 -2.24 -0.92 22.92
N LEU B 189 -2.01 -2.08 22.30
CA LEU B 189 -3.07 -3.07 22.17
C LEU B 189 -3.48 -3.62 23.53
N ALA B 190 -2.51 -3.89 24.40
CA ALA B 190 -2.83 -4.34 25.75
C ALA B 190 -3.57 -3.27 26.54
N SER B 191 -3.26 -2.00 26.28
CA SER B 191 -3.97 -0.91 26.97
C SER B 191 -5.38 -0.72 26.42
N SER B 192 -5.57 -0.97 25.13
CA SER B 192 -6.91 -0.86 24.55
C SER B 192 -7.83 -1.95 25.07
N ALA B 193 -7.31 -3.18 25.21
CA ALA B 193 -8.14 -4.29 25.69
C ALA B 193 -8.57 -4.07 27.13
N ARG B 194 -7.70 -3.50 27.96
CA ARG B 194 -8.07 -3.18 29.34
C ARG B 194 -9.21 -2.16 29.38
N GLN B 195 -9.08 -1.09 28.60
CA GLN B 195 -10.12 -0.06 28.57
C GLN B 195 -11.43 -0.62 28.02
N ARG B 196 -11.35 -1.48 27.00
CA ARG B 196 -12.56 -2.11 26.47
C ARG B 196 -13.27 -2.93 27.53
N LEU B 197 -12.52 -3.51 28.47
CA LEU B 197 -13.13 -4.25 29.57
C LEU B 197 -13.72 -3.30 30.61
N ARG B 198 -13.11 -2.12 30.79
CA ARG B 198 -13.64 -1.14 31.73
C ARG B 198 -15.00 -0.62 31.26
N CYS B 199 -15.12 -0.29 29.98
CA CYS B 199 -16.41 0.17 29.44
C CYS B 199 -17.44 -0.94 29.48
N ALA B 200 -17.04 -2.18 29.17
CA ALA B 200 -17.95 -3.32 29.23
C ALA B 200 -18.58 -3.47 30.61
N SER B 201 -17.80 -3.17 31.65
CA SER B 201 -18.31 -3.30 33.02
C SER B 201 -19.50 -2.38 33.26
N ILE B 202 -19.40 -1.11 32.83
CA ILE B 202 -20.45 -0.15 33.13
C ILE B 202 -21.70 -0.44 32.30
N GLN B 203 -21.54 -0.52 30.97
CA GLN B 203 -22.69 -0.60 30.07
C GLN B 203 -23.45 -1.91 30.19
N LYS B 204 -22.85 -2.96 30.77
CA LYS B 204 -23.48 -4.27 30.80
C LYS B 204 -23.65 -4.86 32.19
N PHE B 205 -22.94 -4.34 33.20
CA PHE B 205 -23.06 -4.87 34.55
C PHE B 205 -23.29 -3.81 35.62
N GLY B 206 -23.20 -2.54 35.28
CA GLY B 206 -23.54 -1.47 36.19
C GLY B 206 -22.32 -0.70 36.67
N GLU B 207 -22.59 0.47 37.23
CA GLU B 207 -21.52 1.29 37.81
C GLU B 207 -20.82 0.57 38.95
N ARG B 208 -21.58 -0.14 39.78
CA ARG B 208 -21.00 -0.85 40.92
C ARG B 208 -19.93 -1.84 40.49
N ALA B 209 -20.01 -2.33 39.25
CA ALA B 209 -19.03 -3.31 38.78
C ALA B 209 -17.68 -2.65 38.52
N LEU B 210 -17.68 -1.49 37.87
CA LEU B 210 -16.42 -0.77 37.68
C LEU B 210 -15.95 -0.13 38.98
N LYS B 211 -16.89 0.35 39.80
CA LYS B 211 -16.51 0.93 41.09
C LYS B 211 -15.78 -0.09 41.95
N ALA B 212 -16.33 -1.30 42.05
CA ALA B 212 -15.66 -2.37 42.79
C ALA B 212 -14.35 -2.78 42.14
N TRP B 213 -14.19 -2.54 40.84
CA TRP B 213 -12.92 -2.81 40.18
C TRP B 213 -11.81 -1.90 40.70
N SER B 214 -12.13 -0.61 40.90
CA SER B 214 -11.12 0.34 41.38
C SER B 214 -10.69 0.02 42.81
N VAL B 215 -11.64 -0.42 43.65
CA VAL B 215 -11.30 -0.80 45.02
C VAL B 215 -10.24 -1.89 45.03
N ALA B 216 -10.33 -2.83 44.09
CA ALA B 216 -9.34 -3.90 44.00
C ALA B 216 -7.95 -3.34 43.71
N ARG B 217 -7.82 -2.61 42.59
CA ARG B 217 -6.49 -2.19 42.15
C ARG B 217 -5.89 -1.14 43.07
N LEU B 218 -6.70 -0.19 43.54
CA LEU B 218 -6.20 0.86 44.41
C LEU B 218 -5.66 0.29 45.72
N SER B 219 -6.52 -0.44 46.45
CA SER B 219 -6.07 -1.10 47.68
C SER B 219 -4.90 -2.05 47.42
N GLN B 220 -4.83 -2.63 46.21
CA GLN B 220 -3.68 -3.44 45.85
C GLN B 220 -2.41 -2.60 45.81
N LYS B 221 -2.45 -1.48 45.08
CA LYS B 221 -1.26 -0.64 44.96
C LYS B 221 -1.00 0.19 46.21
N PHE B 222 -2.04 0.54 46.96
CA PHE B 222 -1.94 1.49 48.07
C PHE B 222 -2.45 0.88 49.37
N PRO B 223 -1.81 -0.19 49.87
CA PRO B 223 -2.29 -0.80 51.12
C PRO B 223 -2.17 0.09 52.34
N LYS B 224 -1.40 1.18 52.27
CA LYS B 224 -1.24 2.06 53.42
C LYS B 224 -2.39 3.05 53.54
N ALA B 225 -2.92 3.52 52.40
CA ALA B 225 -4.02 4.47 52.43
C ALA B 225 -5.26 3.85 53.07
N GLU B 226 -5.91 4.64 53.94
CA GLU B 226 -7.11 4.16 54.61
C GLU B 226 -8.27 4.04 53.62
N PHE B 227 -9.35 3.40 54.09
CA PHE B 227 -10.48 3.12 53.21
C PHE B 227 -11.18 4.40 52.76
N VAL B 228 -11.31 5.38 53.66
CA VAL B 228 -11.93 6.65 53.28
C VAL B 228 -11.13 7.33 52.19
N GLU B 229 -9.80 7.18 52.22
CA GLU B 229 -8.97 7.69 51.14
C GLU B 229 -9.18 6.89 49.86
N VAL B 230 -9.17 5.56 49.97
CA VAL B 230 -9.37 4.71 48.79
C VAL B 230 -10.72 4.99 48.14
N THR B 231 -11.77 5.09 48.96
CA THR B 231 -13.09 5.40 48.42
C THR B 231 -13.09 6.73 47.69
N LYS B 232 -12.35 7.72 48.22
CA LYS B 232 -12.24 9.00 47.56
C LYS B 232 -11.62 8.85 46.18
N LEU B 233 -10.48 8.15 46.10
CA LEU B 233 -9.84 7.90 44.80
C LEU B 233 -10.76 7.07 43.91
N VAL B 234 -11.50 6.12 44.49
CA VAL B 234 -12.41 5.30 43.70
C VAL B 234 -13.52 6.16 43.10
N THR B 235 -14.08 7.06 43.91
CA THR B 235 -15.17 7.92 43.44
C THR B 235 -14.77 8.71 42.20
N ASP B 236 -13.59 9.35 42.23
CA ASP B 236 -13.17 10.18 41.12
C ASP B 236 -12.68 9.36 39.94
N LEU B 237 -12.03 8.22 40.21
CA LEU B 237 -11.54 7.38 39.12
C LEU B 237 -12.68 6.75 38.33
N THR B 238 -13.69 6.22 39.04
CA THR B 238 -14.85 5.65 38.37
C THR B 238 -15.51 6.68 37.46
N LYS B 239 -15.64 7.91 37.93
CA LYS B 239 -16.16 8.98 37.07
C LYS B 239 -15.29 9.20 35.85
N VAL B 240 -13.97 9.17 36.03
CA VAL B 240 -13.05 9.38 34.91
C VAL B 240 -13.30 8.35 33.81
N HIS B 241 -13.33 7.07 34.19
CA HIS B 241 -13.59 6.02 33.21
C HIS B 241 -15.01 6.09 32.67
N LYS B 242 -15.98 6.46 33.53
CA LYS B 242 -17.37 6.59 33.09
C LYS B 242 -17.49 7.59 31.95
N GLU B 243 -16.79 8.72 32.04
CA GLU B 243 -16.89 9.74 31.00
C GLU B 243 -16.13 9.37 29.75
N CYS B 244 -14.92 8.82 29.88
CA CYS B 244 -14.16 8.38 28.72
C CYS B 244 -14.94 7.34 27.91
N CYS B 245 -15.50 6.34 28.60
CA CYS B 245 -16.31 5.32 27.95
C CYS B 245 -17.62 5.86 27.39
N HIS B 246 -18.01 7.07 27.79
CA HIS B 246 -19.25 7.70 27.36
C HIS B 246 -19.01 8.73 26.26
N GLY B 247 -17.80 8.78 25.71
CA GLY B 247 -17.46 9.79 24.72
C GLY B 247 -17.21 11.18 25.29
N ASP B 248 -17.26 11.34 26.61
CA ASP B 248 -16.98 12.62 27.26
C ASP B 248 -15.47 12.75 27.46
N LEU B 249 -14.76 12.87 26.33
CA LEU B 249 -13.30 12.82 26.34
C LEU B 249 -12.71 14.06 27.01
N LEU B 250 -13.26 15.24 26.70
CA LEU B 250 -12.74 16.47 27.28
C LEU B 250 -12.97 16.51 28.79
N GLU B 251 -14.15 16.06 29.25
CA GLU B 251 -14.38 15.97 30.68
C GLU B 251 -13.52 14.89 31.32
N CYS B 252 -13.23 13.82 30.57
CA CYS B 252 -12.43 12.73 31.11
C CYS B 252 -10.99 13.18 31.36
N ALA B 253 -10.33 13.72 30.34
CA ALA B 253 -8.93 14.13 30.47
C ALA B 253 -8.75 15.18 31.58
N ASP B 254 -9.62 16.18 31.62
CA ASP B 254 -9.51 17.23 32.63
C ASP B 254 -9.64 16.65 34.04
N ASP B 255 -10.57 15.72 34.23
CA ASP B 255 -10.76 15.12 35.55
C ASP B 255 -9.68 14.10 35.88
N ARG B 256 -9.09 13.46 34.87
CA ARG B 256 -7.92 12.63 35.12
C ARG B 256 -6.76 13.48 35.61
N ALA B 257 -6.57 14.67 35.01
CA ALA B 257 -5.57 15.60 35.51
C ALA B 257 -5.91 16.06 36.93
N ASP B 258 -7.19 16.30 37.20
CA ASP B 258 -7.60 16.70 38.55
C ASP B 258 -7.30 15.60 39.56
N LEU B 259 -7.44 14.34 39.15
CA LEU B 259 -7.13 13.23 40.04
C LEU B 259 -5.62 13.06 40.20
N ALA B 260 -4.88 13.06 39.08
CA ALA B 260 -3.43 12.97 39.14
C ALA B 260 -2.82 14.06 40.03
N LYS B 261 -3.41 15.25 40.01
CA LYS B 261 -2.92 16.32 40.88
C LYS B 261 -3.21 16.01 42.35
N TYR B 262 -4.39 15.46 42.64
CA TYR B 262 -4.76 15.20 44.03
C TYR B 262 -3.83 14.15 44.65
N ILE B 263 -3.52 13.09 43.91
CA ILE B 263 -2.72 12.00 44.46
C ILE B 263 -1.33 12.49 44.86
N CYS B 264 -0.72 13.33 44.02
CA CYS B 264 0.61 13.84 44.30
C CYS B 264 0.63 14.73 45.54
N ASP B 265 -0.42 15.53 45.74
CA ASP B 265 -0.51 16.41 46.90
C ASP B 265 -0.93 15.68 48.17
N ASN B 266 -1.02 14.34 48.14
CA ASN B 266 -1.38 13.57 49.31
C ASN B 266 -0.59 12.26 49.38
N GLN B 267 0.63 12.26 48.85
CA GLN B 267 1.46 11.06 48.86
C GLN B 267 1.56 10.44 50.25
N ASP B 268 1.89 11.27 51.26
CA ASP B 268 2.13 10.76 52.61
C ASP B 268 0.99 9.89 53.12
N THR B 269 -0.24 10.18 52.71
CA THR B 269 -1.41 9.43 53.15
C THR B 269 -1.83 8.36 52.15
N ILE B 270 -1.14 8.24 51.03
CA ILE B 270 -1.53 7.29 49.98
C ILE B 270 -0.47 6.21 49.84
N SER B 271 0.73 6.59 49.41
CA SER B 271 1.79 5.62 49.17
C SER B 271 3.13 6.33 49.12
N SER B 272 4.20 5.56 49.32
CA SER B 272 5.56 6.07 49.37
C SER B 272 6.33 5.87 48.07
N LYS B 273 5.70 5.30 47.04
CA LYS B 273 6.37 5.02 45.77
C LYS B 273 5.93 6.00 44.69
N LEU B 274 5.50 7.20 45.08
CA LEU B 274 4.97 8.17 44.14
C LEU B 274 5.88 9.39 43.95
N LYS B 275 6.97 9.48 44.71
CA LYS B 275 7.87 10.63 44.60
C LYS B 275 8.35 10.83 43.17
N GLU B 276 8.89 9.76 42.56
CA GLU B 276 9.34 9.86 41.18
C GLU B 276 8.16 10.03 40.22
N CYS B 277 7.04 9.38 40.53
CA CYS B 277 5.84 9.49 39.69
C CYS B 277 5.29 10.91 39.65
N CYS B 278 5.56 11.71 40.67
CA CYS B 278 4.92 13.01 40.86
C CYS B 278 5.84 14.18 40.51
N ASP B 279 6.77 13.98 39.60
CA ASP B 279 7.64 15.04 39.14
C ASP B 279 7.64 15.21 37.62
N LYS B 280 7.04 14.28 36.89
CA LYS B 280 6.96 14.35 35.44
C LYS B 280 5.88 15.35 35.01
N PRO B 281 5.86 15.72 33.72
CA PRO B 281 4.75 16.56 33.23
C PRO B 281 3.42 15.81 33.14
N LEU B 282 2.36 16.52 32.77
CA LEU B 282 0.98 16.04 32.85
C LEU B 282 0.80 14.60 32.39
N LEU B 283 1.06 14.33 31.10
CA LEU B 283 0.80 13.00 30.54
C LEU B 283 1.69 11.94 31.19
N GLU B 284 3.00 12.23 31.29
CA GLU B 284 3.92 11.27 31.88
C GLU B 284 3.55 10.94 33.32
N LYS B 285 3.19 11.95 34.10
CA LYS B 285 2.83 11.75 35.51
C LYS B 285 1.65 10.79 35.65
N SER B 286 0.53 11.12 35.00
CA SER B 286 -0.69 10.33 35.15
C SER B 286 -0.45 8.86 34.78
N HIS B 287 0.30 8.60 33.71
CA HIS B 287 0.62 7.23 33.33
C HIS B 287 1.46 6.55 34.41
N CYS B 288 2.40 7.28 35.02
CA CYS B 288 3.24 6.70 36.07
C CYS B 288 2.39 6.19 37.23
N ILE B 289 1.37 6.95 37.63
CA ILE B 289 0.52 6.57 38.76
C ILE B 289 -0.13 5.20 38.53
N ALA B 290 -0.62 4.97 37.31
CA ALA B 290 -1.34 3.72 37.06
C ALA B 290 -0.40 2.52 37.01
N GLU B 291 0.85 2.72 36.59
CA GLU B 291 1.83 1.65 36.46
C GLU B 291 2.79 1.62 37.65
N VAL B 292 2.43 2.25 38.76
CA VAL B 292 3.33 2.35 39.89
C VAL B 292 3.45 1.01 40.60
N GLU B 293 4.62 0.75 41.19
CA GLU B 293 4.81 -0.45 41.98
C GLU B 293 3.97 -0.39 43.24
N LYS B 294 3.60 -1.57 43.75
CA LYS B 294 2.73 -1.64 44.91
C LYS B 294 3.48 -1.25 46.18
N ASP B 295 2.74 -0.76 47.16
CA ASP B 295 3.30 -0.34 48.44
C ASP B 295 3.40 -1.52 49.40
N ALA B 296 4.14 -1.33 50.49
CA ALA B 296 4.38 -2.38 51.45
C ALA B 296 3.16 -2.62 52.34
N ILE B 297 2.95 -3.87 52.71
CA ILE B 297 1.84 -4.22 53.60
C ILE B 297 2.15 -3.69 55.00
N PRO B 298 1.19 -3.05 55.70
CA PRO B 298 1.42 -2.67 57.10
C PRO B 298 1.85 -3.85 57.96
N GLU B 299 2.53 -3.56 59.07
CA GLU B 299 3.20 -4.63 59.82
C GLU B 299 2.23 -5.39 60.73
N ASN B 300 1.30 -4.69 61.36
CA ASN B 300 0.40 -5.30 62.35
C ASN B 300 -1.04 -5.17 61.84
N LEU B 301 -1.34 -5.89 60.77
CA LEU B 301 -2.70 -5.88 60.24
C LEU B 301 -3.55 -6.90 60.98
N PRO B 302 -4.74 -6.52 61.45
CA PRO B 302 -5.61 -7.48 62.12
C PRO B 302 -6.11 -8.54 61.15
N PRO B 303 -6.29 -9.77 61.60
CA PRO B 303 -6.75 -10.83 60.70
C PRO B 303 -8.14 -10.53 60.16
N LEU B 304 -8.34 -10.86 58.88
CA LEU B 304 -9.61 -10.61 58.21
C LEU B 304 -10.79 -11.18 58.99
N THR B 305 -10.59 -12.30 59.68
CA THR B 305 -11.69 -12.97 60.38
C THR B 305 -12.35 -12.08 61.43
N ALA B 306 -11.61 -11.10 61.97
CA ALA B 306 -12.15 -10.27 63.03
C ALA B 306 -13.39 -9.52 62.58
N ASP B 307 -13.25 -8.71 61.52
CA ASP B 307 -14.34 -7.84 61.10
C ASP B 307 -15.38 -8.56 60.25
N PHE B 308 -15.05 -9.71 59.67
CA PHE B 308 -15.87 -10.29 58.62
C PHE B 308 -16.31 -11.73 58.92
N ALA B 309 -16.09 -12.22 60.13
CA ALA B 309 -16.51 -13.59 60.46
C ALA B 309 -17.15 -13.66 61.84
N GLU B 310 -16.40 -13.30 62.88
CA GLU B 310 -16.87 -13.47 64.25
C GLU B 310 -17.70 -12.31 64.77
N ASP B 311 -17.66 -11.15 64.10
CA ASP B 311 -18.42 -9.99 64.55
C ASP B 311 -19.90 -10.32 64.70
N LYS B 312 -20.42 -10.12 65.91
CA LYS B 312 -21.82 -10.39 66.22
C LYS B 312 -22.78 -9.42 65.52
N ASP B 313 -22.27 -8.58 64.62
CA ASP B 313 -23.08 -7.60 63.91
C ASP B 313 -22.81 -7.61 62.40
N VAL B 314 -22.18 -8.68 61.90
CA VAL B 314 -21.85 -8.77 60.47
C VAL B 314 -23.10 -8.54 59.62
N CYS B 315 -24.21 -9.19 60.00
CA CYS B 315 -25.47 -8.97 59.29
C CYS B 315 -25.94 -7.53 59.46
N LYS B 316 -25.76 -6.96 60.65
CA LYS B 316 -26.25 -5.61 60.93
C LYS B 316 -25.52 -4.57 60.07
N ASN B 317 -24.20 -4.52 60.18
CA ASN B 317 -23.42 -3.55 59.41
C ASN B 317 -23.60 -3.76 57.91
N TYR B 318 -23.90 -4.99 57.48
CA TYR B 318 -24.12 -5.27 56.07
C TYR B 318 -25.30 -4.50 55.52
N GLN B 319 -26.49 -4.73 56.07
CA GLN B 319 -27.71 -4.18 55.52
C GLN B 319 -27.71 -2.65 55.54
N GLU B 320 -27.12 -2.06 56.58
CA GLU B 320 -27.12 -0.60 56.69
C GLU B 320 -26.30 0.06 55.58
N ALA B 321 -25.22 -0.60 55.14
CA ALA B 321 -24.43 -0.09 54.02
C ALA B 321 -23.82 -1.31 53.31
N LYS B 322 -24.59 -1.88 52.38
CA LYS B 322 -24.17 -3.12 51.73
C LYS B 322 -22.93 -2.91 50.87
N ASP B 323 -23.03 -2.02 49.88
CA ASP B 323 -21.89 -1.75 49.01
C ASP B 323 -20.70 -1.17 49.77
N ALA B 324 -20.96 -0.44 50.85
CA ALA B 324 -19.86 0.11 51.64
C ALA B 324 -19.19 -0.97 52.48
N PHE B 325 -19.98 -1.86 53.09
CA PHE B 325 -19.40 -2.99 53.81
C PHE B 325 -18.66 -3.92 52.85
N LEU B 326 -19.25 -4.17 51.67
CA LEU B 326 -18.60 -5.04 50.70
C LEU B 326 -17.32 -4.41 50.16
N GLY B 327 -17.37 -3.11 49.85
CA GLY B 327 -16.15 -2.41 49.49
C GLY B 327 -15.10 -2.48 50.58
N SER B 328 -15.53 -2.36 51.84
CA SER B 328 -14.60 -2.52 52.96
C SER B 328 -14.03 -3.93 53.02
N PHE B 329 -14.84 -4.94 52.66
CA PHE B 329 -14.37 -6.31 52.70
C PHE B 329 -13.30 -6.55 51.65
N LEU B 330 -13.55 -6.12 50.41
CA LEU B 330 -12.54 -6.22 49.37
C LEU B 330 -11.30 -5.43 49.75
N TYR B 331 -11.49 -4.20 50.24
CA TYR B 331 -10.40 -3.35 50.70
C TYR B 331 -9.52 -4.07 51.72
N GLU B 332 -10.14 -4.56 52.80
CA GLU B 332 -9.38 -5.31 53.82
C GLU B 332 -8.70 -6.54 53.22
N TYR B 333 -9.31 -7.14 52.21
CA TYR B 333 -8.76 -8.33 51.57
C TYR B 333 -7.78 -7.98 50.46
N SER B 334 -7.98 -6.84 49.78
CA SER B 334 -7.11 -6.44 48.70
C SER B 334 -5.73 -6.04 49.20
N ARG B 335 -5.65 -5.44 50.40
CA ARG B 335 -4.37 -4.94 50.89
C ARG B 335 -3.44 -6.08 51.29
N ARG B 336 -3.97 -7.12 51.94
CA ARG B 336 -3.13 -8.18 52.47
C ARG B 336 -2.74 -9.22 51.43
N HIS B 337 -3.27 -9.15 50.22
CA HIS B 337 -2.98 -10.13 49.18
C HIS B 337 -2.76 -9.44 47.84
N PRO B 338 -1.59 -8.85 47.63
CA PRO B 338 -1.24 -8.32 46.30
C PRO B 338 -0.76 -9.39 45.33
N GLU B 339 -0.61 -10.64 45.75
CA GLU B 339 -0.25 -11.73 44.84
C GLU B 339 -1.45 -12.35 44.17
N TYR B 340 -2.66 -11.84 44.43
CA TYR B 340 -3.86 -12.33 43.77
C TYR B 340 -4.13 -11.54 42.50
N ALA B 341 -4.67 -12.23 41.50
CA ALA B 341 -5.10 -11.57 40.27
C ALA B 341 -6.35 -10.73 40.51
N VAL B 342 -6.51 -9.69 39.70
CA VAL B 342 -7.69 -8.83 39.79
C VAL B 342 -8.96 -9.65 39.66
N SER B 343 -8.99 -10.56 38.69
CA SER B 343 -10.15 -11.44 38.51
C SER B 343 -10.45 -12.27 39.75
N VAL B 344 -9.45 -12.54 40.60
CA VAL B 344 -9.65 -13.44 41.73
C VAL B 344 -10.37 -12.74 42.88
N LEU B 345 -9.86 -11.59 43.32
CA LEU B 345 -10.39 -10.99 44.55
C LEU B 345 -11.85 -10.57 44.38
N LEU B 346 -12.19 -10.00 43.22
CA LEU B 346 -13.59 -9.70 42.95
C LEU B 346 -14.44 -10.96 42.96
N ARG B 347 -13.87 -12.09 42.53
CA ARG B 347 -14.57 -13.36 42.63
C ARG B 347 -14.76 -13.78 44.08
N LEU B 348 -13.81 -13.45 44.95
CA LEU B 348 -13.97 -13.75 46.36
C LEU B 348 -15.01 -12.84 47.01
N ALA B 349 -15.00 -11.56 46.66
CA ALA B 349 -15.98 -10.63 47.23
C ALA B 349 -17.40 -10.97 46.75
N LYS B 350 -17.54 -11.31 45.47
CA LYS B 350 -18.85 -11.73 44.96
C LYS B 350 -19.34 -12.99 45.67
N GLU B 351 -18.42 -13.87 46.07
CA GLU B 351 -18.82 -15.06 46.81
C GLU B 351 -19.22 -14.71 48.24
N TYR B 352 -18.52 -13.75 48.86
CA TYR B 352 -18.88 -13.33 50.21
C TYR B 352 -20.25 -12.68 50.22
N GLU B 353 -20.57 -11.89 49.20
CA GLU B 353 -21.91 -11.30 49.08
C GLU B 353 -22.97 -12.40 49.07
N ALA B 354 -22.77 -13.43 48.25
CA ALA B 354 -23.73 -14.53 48.20
C ALA B 354 -23.81 -15.27 49.53
N THR B 355 -22.73 -15.24 50.32
CA THR B 355 -22.76 -15.90 51.62
C THR B 355 -23.59 -15.12 52.63
N LEU B 356 -23.41 -13.80 52.68
CA LEU B 356 -24.11 -13.00 53.67
C LEU B 356 -25.61 -12.94 53.40
N GLU B 357 -25.99 -12.76 52.12
CA GLU B 357 -27.41 -12.64 51.79
C GLU B 357 -28.19 -13.89 52.18
N GLU B 358 -27.59 -15.06 52.00
CA GLU B 358 -28.28 -16.31 52.32
C GLU B 358 -28.15 -16.66 53.79
N CYS B 359 -27.01 -16.35 54.42
CA CYS B 359 -26.83 -16.68 55.82
C CYS B 359 -27.70 -15.81 56.72
N CYS B 360 -27.73 -14.50 56.45
CA CYS B 360 -28.56 -13.60 57.25
C CYS B 360 -30.03 -13.94 57.16
N ALA B 361 -30.46 -14.62 56.09
CA ALA B 361 -31.84 -15.08 56.01
C ALA B 361 -32.15 -16.08 57.11
N LYS B 362 -31.23 -17.01 57.37
CA LYS B 362 -31.41 -17.97 58.44
C LYS B 362 -31.50 -17.27 59.79
N ASP B 363 -32.09 -17.97 60.77
CA ASP B 363 -32.27 -17.38 62.09
C ASP B 363 -30.95 -17.29 62.85
N ASP B 364 -30.01 -18.20 62.56
CA ASP B 364 -28.68 -18.18 63.15
C ASP B 364 -27.65 -17.95 62.05
N PRO B 365 -27.54 -16.73 61.54
CA PRO B 365 -26.56 -16.46 60.46
C PRO B 365 -25.12 -16.71 60.87
N HIS B 366 -24.77 -16.49 62.15
CA HIS B 366 -23.39 -16.67 62.57
C HIS B 366 -22.95 -18.12 62.41
N ALA B 367 -23.84 -19.07 62.71
CA ALA B 367 -23.51 -20.46 62.44
C ALA B 367 -23.33 -20.72 60.95
N CYS B 368 -23.86 -19.84 60.11
CA CYS B 368 -23.78 -19.99 58.66
C CYS B 368 -22.56 -19.30 58.05
N TYR B 369 -22.26 -18.06 58.46
CA TYR B 369 -21.21 -17.30 57.82
C TYR B 369 -19.86 -17.35 58.54
N SER B 370 -19.82 -17.85 59.78
CA SER B 370 -18.56 -17.88 60.53
C SER B 370 -17.47 -18.67 59.80
N THR B 371 -17.87 -19.64 58.97
CA THR B 371 -16.93 -20.51 58.27
C THR B 371 -16.70 -20.07 56.84
N VAL B 372 -17.06 -18.83 56.47
CA VAL B 372 -16.94 -18.39 55.10
C VAL B 372 -15.49 -18.38 54.64
N PHE B 373 -14.54 -18.11 55.54
CA PHE B 373 -13.15 -17.96 55.13
C PHE B 373 -12.56 -19.27 54.62
N ASP B 374 -13.03 -20.41 55.13
CA ASP B 374 -12.59 -21.70 54.59
C ASP B 374 -13.11 -21.92 53.17
N LYS B 375 -14.39 -21.60 52.94
CA LYS B 375 -14.95 -21.68 51.58
C LYS B 375 -14.15 -20.82 50.61
N LEU B 376 -13.82 -19.59 51.00
CA LEU B 376 -13.11 -18.68 50.11
C LEU B 376 -11.71 -19.19 49.78
N LYS B 377 -10.98 -19.68 50.78
CA LYS B 377 -9.61 -20.15 50.57
C LYS B 377 -9.54 -21.25 49.51
N HIS B 378 -10.61 -22.04 49.36
CA HIS B 378 -10.62 -23.09 48.36
C HIS B 378 -10.82 -22.56 46.94
N LEU B 379 -11.30 -21.32 46.80
CA LEU B 379 -11.49 -20.75 45.47
C LEU B 379 -10.15 -20.46 44.78
N VAL B 380 -9.12 -20.14 45.56
CA VAL B 380 -7.83 -19.79 44.97
C VAL B 380 -7.20 -20.99 44.27
N ASP B 381 -7.48 -22.20 44.76
CA ASP B 381 -6.81 -23.40 44.26
C ASP B 381 -7.46 -23.97 43.01
N GLU B 382 -8.72 -23.61 42.74
CA GLU B 382 -9.41 -24.16 41.57
C GLU B 382 -8.69 -23.89 40.25
N PRO B 383 -8.24 -22.67 39.94
CA PRO B 383 -7.52 -22.48 38.66
C PRO B 383 -6.16 -23.15 38.61
N GLN B 384 -5.51 -23.34 39.77
CA GLN B 384 -4.09 -23.71 39.84
C GLN B 384 -3.72 -24.85 38.89
N ASN B 385 -4.60 -25.82 38.71
CA ASN B 385 -4.25 -26.97 37.88
C ASN B 385 -4.49 -26.70 36.40
N LEU B 386 -5.23 -25.65 36.05
CA LEU B 386 -5.35 -25.26 34.65
C LEU B 386 -4.03 -24.67 34.14
N ILE B 387 -3.39 -23.83 34.96
CA ILE B 387 -2.15 -23.18 34.55
C ILE B 387 -1.09 -24.21 34.21
N LYS B 388 -0.86 -25.16 35.12
CA LYS B 388 0.13 -26.21 34.88
C LYS B 388 -0.18 -26.97 33.59
N GLN B 389 -1.42 -27.45 33.46
CA GLN B 389 -1.84 -28.20 32.28
C GLN B 389 -1.62 -27.41 31.00
N ASN B 390 -1.77 -26.09 31.05
CA ASN B 390 -1.63 -25.27 29.84
C ASN B 390 -0.18 -24.91 29.54
N CYS B 391 0.65 -24.72 30.56
CA CYS B 391 2.03 -24.31 30.32
C CYS B 391 2.88 -25.44 29.76
N ASP B 392 2.59 -26.69 30.14
CA ASP B 392 3.34 -27.82 29.58
C ASP B 392 3.14 -27.92 28.07
N GLN B 393 1.88 -27.92 27.63
CA GLN B 393 1.59 -27.93 26.20
C GLN B 393 2.28 -26.77 25.48
N PHE B 394 2.17 -25.57 26.03
CA PHE B 394 2.88 -24.39 25.53
C PHE B 394 4.34 -24.71 25.23
N GLU B 395 5.12 -25.01 26.27
CA GLU B 395 6.53 -25.32 26.09
C GLU B 395 6.73 -26.51 25.16
N LYS B 396 5.82 -27.47 25.17
CA LYS B 396 5.96 -28.65 24.31
C LYS B 396 5.87 -28.27 22.84
N LEU B 397 4.83 -27.53 22.46
CA LEU B 397 4.55 -27.24 21.06
C LEU B 397 5.06 -25.88 20.61
N GLY B 398 5.23 -24.94 21.53
CA GLY B 398 5.59 -23.58 21.17
C GLY B 398 4.38 -22.74 20.83
N GLU B 399 4.62 -21.43 20.70
CA GLU B 399 3.54 -20.48 20.44
C GLU B 399 2.66 -20.94 19.28
N TYR B 400 3.25 -21.09 18.09
CA TYR B 400 2.48 -21.45 16.91
C TYR B 400 1.80 -22.80 17.09
N GLY B 401 2.53 -23.79 17.61
CA GLY B 401 1.91 -25.08 17.87
C GLY B 401 0.82 -25.00 18.92
N PHE B 402 1.00 -24.14 19.92
CA PHE B 402 -0.03 -23.94 20.93
C PHE B 402 -1.22 -23.18 20.35
N GLN B 403 -0.96 -22.27 19.41
CA GLN B 403 -2.03 -21.59 18.69
C GLN B 403 -2.99 -22.58 18.06
N ASN B 404 -2.47 -23.52 17.27
CA ASN B 404 -3.32 -24.52 16.63
C ASN B 404 -3.96 -25.44 17.65
N ALA B 405 -3.33 -25.61 18.82
CA ALA B 405 -3.91 -26.44 19.87
C ALA B 405 -5.18 -25.81 20.42
N LEU B 406 -5.13 -24.52 20.77
CA LEU B 406 -6.29 -23.86 21.34
C LEU B 406 -7.39 -23.69 20.30
N ILE B 407 -7.02 -23.43 19.04
CA ILE B 407 -8.00 -23.37 17.97
C ILE B 407 -8.79 -24.67 17.90
N VAL B 408 -8.12 -25.81 18.14
CA VAL B 408 -8.80 -27.09 18.13
C VAL B 408 -9.75 -27.20 19.34
N ARG B 409 -9.29 -26.78 20.51
CA ARG B 409 -10.09 -26.94 21.72
C ARG B 409 -11.34 -26.06 21.69
N TYR B 410 -11.20 -24.79 21.28
CA TYR B 410 -12.33 -23.87 21.35
C TYR B 410 -13.28 -23.99 20.18
N THR B 411 -12.80 -24.47 19.02
CA THR B 411 -13.73 -24.70 17.91
C THR B 411 -14.72 -25.80 18.25
N ARG B 412 -14.27 -26.83 18.98
CA ARG B 412 -15.19 -27.87 19.43
C ARG B 412 -16.11 -27.39 20.54
N LYS B 413 -15.72 -26.33 21.26
CA LYS B 413 -16.52 -25.85 22.38
C LYS B 413 -17.63 -24.91 21.91
N VAL B 414 -17.33 -24.03 20.97
CA VAL B 414 -18.32 -23.07 20.47
C VAL B 414 -18.27 -23.04 18.95
N PRO B 415 -18.80 -24.06 18.26
CA PRO B 415 -18.69 -24.06 16.79
C PRO B 415 -19.52 -22.98 16.11
N GLN B 416 -20.64 -22.56 16.71
CA GLN B 416 -21.47 -21.54 16.08
C GLN B 416 -20.74 -20.21 15.93
N VAL B 417 -19.74 -19.95 16.77
CA VAL B 417 -19.03 -18.68 16.69
C VAL B 417 -18.32 -18.57 15.34
N SER B 418 -18.22 -17.34 14.84
CA SER B 418 -17.71 -17.12 13.49
C SER B 418 -16.22 -17.40 13.40
N THR B 419 -15.78 -17.82 12.20
CA THR B 419 -14.40 -18.26 12.01
C THR B 419 -13.37 -17.16 12.25
N PRO B 420 -13.49 -15.94 11.69
CA PRO B 420 -12.45 -14.94 11.95
C PRO B 420 -12.32 -14.58 13.42
N THR B 421 -13.38 -14.75 14.20
CA THR B 421 -13.31 -14.49 15.63
C THR B 421 -12.53 -15.59 16.35
N LEU B 422 -12.89 -16.85 16.08
CA LEU B 422 -12.19 -17.97 16.71
C LEU B 422 -10.69 -17.89 16.46
N VAL B 423 -10.28 -17.48 15.26
CA VAL B 423 -8.86 -17.27 14.99
C VAL B 423 -8.30 -16.19 15.92
N GLU B 424 -8.85 -14.98 15.82
CA GLU B 424 -8.36 -13.86 16.63
C GLU B 424 -8.35 -14.19 18.13
N VAL B 425 -9.45 -14.77 18.62
CA VAL B 425 -9.53 -15.07 20.06
C VAL B 425 -8.49 -16.12 20.44
N SER B 426 -8.42 -17.21 19.68
CA SER B 426 -7.42 -18.24 19.97
C SER B 426 -6.01 -17.71 19.77
N ARG B 427 -5.84 -16.71 18.91
CA ARG B 427 -4.52 -16.10 18.72
C ARG B 427 -4.05 -15.40 19.98
N SER B 428 -4.94 -14.63 20.61
CA SER B 428 -4.58 -13.93 21.84
C SER B 428 -4.33 -14.91 22.99
N LEU B 429 -5.13 -15.97 23.06
CA LEU B 429 -5.00 -16.92 24.16
C LEU B 429 -3.63 -17.61 24.18
N GLY B 430 -3.11 -17.94 23.00
CA GLY B 430 -1.81 -18.59 22.94
C GLY B 430 -0.66 -17.69 23.36
N LYS B 431 -0.77 -16.40 23.08
CA LYS B 431 0.28 -15.46 23.49
C LYS B 431 0.37 -15.37 25.02
N VAL B 432 -0.73 -15.66 25.72
CA VAL B 432 -0.70 -15.68 27.18
C VAL B 432 0.31 -16.69 27.70
N GLY B 433 0.54 -17.77 26.95
CA GLY B 433 1.60 -18.70 27.30
C GLY B 433 2.96 -18.03 27.29
N THR B 434 3.28 -17.37 26.17
CA THR B 434 4.54 -16.62 26.08
C THR B 434 4.61 -15.47 27.07
N ARG B 435 3.47 -14.97 27.54
CA ARG B 435 3.45 -13.84 28.46
C ARG B 435 3.36 -14.23 29.93
N CYS B 436 3.01 -15.47 30.25
CA CYS B 436 2.82 -15.83 31.65
C CYS B 436 3.58 -17.08 32.07
N CYS B 437 3.66 -18.09 31.22
CA CYS B 437 4.21 -19.38 31.65
C CYS B 437 5.72 -19.35 31.84
N THR B 438 6.39 -18.27 31.44
CA THR B 438 7.81 -18.10 31.75
C THR B 438 8.03 -17.42 33.10
N LYS B 439 7.01 -16.76 33.64
CA LYS B 439 7.10 -16.13 34.94
C LYS B 439 7.31 -17.17 36.03
N PRO B 440 7.73 -16.73 37.24
CA PRO B 440 7.83 -17.68 38.37
C PRO B 440 6.53 -18.43 38.63
N GLU B 441 6.63 -19.60 39.26
CA GLU B 441 5.47 -20.47 39.42
C GLU B 441 4.36 -19.79 40.22
N SER B 442 4.70 -19.18 41.35
CA SER B 442 3.68 -18.56 42.19
C SER B 442 3.11 -17.28 41.59
N GLU B 443 3.57 -16.87 40.40
CA GLU B 443 2.99 -15.73 39.70
C GLU B 443 2.40 -16.11 38.34
N ARG B 444 2.55 -17.36 37.89
CA ARG B 444 1.99 -17.76 36.60
C ARG B 444 0.47 -17.66 36.60
N MET B 445 -0.17 -18.00 37.73
CA MET B 445 -1.63 -17.94 37.79
C MET B 445 -2.14 -16.50 37.80
N PRO B 446 -1.60 -15.58 38.60
CA PRO B 446 -2.09 -14.18 38.52
C PRO B 446 -1.96 -13.58 37.13
N CYS B 447 -0.86 -13.85 36.42
CA CYS B 447 -0.69 -13.33 35.06
C CYS B 447 -1.79 -13.84 34.15
N THR B 448 -2.04 -15.16 34.17
CA THR B 448 -2.98 -15.77 33.23
C THR B 448 -4.38 -15.19 33.40
N GLU B 449 -4.93 -15.25 34.60
CA GLU B 449 -6.31 -14.81 34.83
C GLU B 449 -6.49 -13.33 34.50
N ASP B 450 -5.47 -12.51 34.73
CA ASP B 450 -5.58 -11.08 34.41
C ASP B 450 -5.79 -10.87 32.92
N TYR B 451 -4.94 -11.46 32.09
CA TYR B 451 -5.06 -11.27 30.65
C TYR B 451 -6.27 -11.99 30.07
N LEU B 452 -6.63 -13.15 30.63
CA LEU B 452 -7.78 -13.90 30.12
C LEU B 452 -9.06 -13.07 30.23
N SER B 453 -9.23 -12.31 31.31
CA SER B 453 -10.41 -11.46 31.43
C SER B 453 -10.42 -10.35 30.40
N LEU B 454 -9.24 -9.94 29.93
CA LEU B 454 -9.17 -8.96 28.85
C LEU B 454 -9.41 -9.60 27.49
N ILE B 455 -9.08 -10.88 27.35
CA ILE B 455 -9.25 -11.59 26.08
C ILE B 455 -10.63 -12.22 25.99
N LEU B 456 -11.12 -12.80 27.10
CA LEU B 456 -12.47 -13.34 27.10
C LEU B 456 -13.51 -12.24 26.90
N ASN B 457 -13.23 -11.04 27.41
CA ASN B 457 -14.10 -9.90 27.12
C ASN B 457 -14.06 -9.53 25.65
N ARG B 458 -12.91 -9.71 25.00
CA ARG B 458 -12.81 -9.45 23.56
C ARG B 458 -13.73 -10.37 22.79
N LEU B 459 -13.71 -11.67 23.11
CA LEU B 459 -14.64 -12.60 22.49
C LEU B 459 -16.08 -12.14 22.69
N CYS B 460 -16.44 -11.78 23.91
CA CYS B 460 -17.79 -11.28 24.18
C CYS B 460 -18.07 -10.00 23.39
N VAL B 461 -17.11 -9.07 23.39
CA VAL B 461 -17.29 -7.79 22.70
C VAL B 461 -17.58 -8.01 21.21
N LEU B 462 -16.84 -8.91 20.57
CA LEU B 462 -17.13 -9.24 19.18
C LEU B 462 -18.41 -10.03 19.01
N HIS B 463 -18.86 -10.73 20.06
CA HIS B 463 -19.98 -11.66 19.91
C HIS B 463 -21.35 -11.02 20.07
N GLU B 464 -21.53 -10.05 21.00
CA GLU B 464 -22.85 -9.46 21.15
C GLU B 464 -23.26 -8.66 19.93
N LYS B 465 -22.30 -8.29 19.08
CA LYS B 465 -22.62 -7.62 17.82
C LYS B 465 -23.48 -8.50 16.93
N THR B 466 -23.09 -9.77 16.77
CA THR B 466 -23.82 -10.74 15.97
C THR B 466 -23.94 -12.03 16.79
N PRO B 467 -24.90 -12.09 17.71
CA PRO B 467 -25.02 -13.27 18.58
C PRO B 467 -25.46 -14.48 17.79
N VAL B 468 -24.65 -15.54 17.84
CA VAL B 468 -24.89 -16.75 17.08
C VAL B 468 -24.70 -17.98 17.97
N SER B 469 -24.10 -17.78 19.14
CA SER B 469 -23.82 -18.88 20.06
C SER B 469 -24.42 -18.56 21.42
N GLU B 470 -25.27 -19.46 21.91
CA GLU B 470 -25.87 -19.26 23.23
C GLU B 470 -24.85 -19.52 24.34
N LYS B 471 -23.96 -20.50 24.13
CA LYS B 471 -22.95 -20.80 25.14
C LYS B 471 -22.08 -19.60 25.45
N VAL B 472 -21.75 -18.79 24.44
CA VAL B 472 -20.95 -17.60 24.67
C VAL B 472 -21.78 -16.52 25.35
N THR B 473 -22.99 -16.28 24.82
CA THR B 473 -23.87 -15.26 25.41
C THR B 473 -24.14 -15.53 26.88
N LYS B 474 -24.34 -16.81 27.24
CA LYS B 474 -24.65 -17.14 28.63
C LYS B 474 -23.51 -16.75 29.56
N CYS B 475 -22.29 -17.18 29.25
CA CYS B 475 -21.16 -16.91 30.15
C CYS B 475 -20.75 -15.44 30.13
N CYS B 476 -21.04 -14.71 29.04
CA CYS B 476 -20.66 -13.30 28.98
C CYS B 476 -21.64 -12.43 29.76
N THR B 477 -22.88 -12.87 29.91
CA THR B 477 -23.90 -12.11 30.62
C THR B 477 -24.25 -12.70 31.98
N GLU B 478 -23.86 -13.95 32.25
CA GLU B 478 -24.07 -14.53 33.57
C GLU B 478 -23.38 -13.68 34.63
N SER B 479 -22.07 -13.49 34.49
CA SER B 479 -21.30 -12.65 35.39
C SER B 479 -20.10 -12.11 34.63
N LEU B 480 -19.51 -11.04 35.18
CA LEU B 480 -18.31 -10.46 34.59
C LEU B 480 -17.04 -11.09 35.15
N VAL B 481 -17.10 -11.62 36.36
CA VAL B 481 -15.90 -12.11 37.02
C VAL B 481 -15.67 -13.61 36.84
N ASN B 482 -16.74 -14.38 36.59
CA ASN B 482 -16.64 -15.83 36.49
C ASN B 482 -16.58 -16.30 35.04
N ARG B 483 -16.13 -15.44 34.12
CA ARG B 483 -16.07 -15.83 32.71
C ARG B 483 -15.01 -16.90 32.47
N ARG B 484 -13.80 -16.70 33.00
CA ARG B 484 -12.71 -17.65 32.78
C ARG B 484 -13.06 -19.07 33.21
N PRO B 485 -13.63 -19.32 34.40
CA PRO B 485 -14.09 -20.69 34.69
C PRO B 485 -15.31 -21.10 33.89
N CYS B 486 -16.20 -20.16 33.56
CA CYS B 486 -17.39 -20.50 32.79
C CYS B 486 -17.02 -20.98 31.39
N PHE B 487 -15.93 -20.45 30.83
CA PHE B 487 -15.43 -20.92 29.53
C PHE B 487 -14.67 -22.24 29.68
N SER B 488 -13.89 -22.38 30.75
CA SER B 488 -13.14 -23.61 30.96
C SER B 488 -14.04 -24.79 31.29
N ALA B 489 -15.21 -24.53 31.85
CA ALA B 489 -16.16 -25.59 32.18
C ALA B 489 -17.02 -25.99 30.99
N LEU B 490 -16.85 -25.34 29.83
CA LEU B 490 -17.62 -25.67 28.66
C LEU B 490 -17.08 -26.94 28.00
N THR B 491 -17.99 -27.74 27.45
CA THR B 491 -17.64 -29.00 26.81
C THR B 491 -18.08 -28.99 25.35
N PRO B 492 -17.41 -29.76 24.49
CA PRO B 492 -17.91 -29.93 23.11
C PRO B 492 -19.25 -30.64 23.10
N ASP B 493 -20.30 -29.92 22.72
CA ASP B 493 -21.66 -30.45 22.78
C ASP B 493 -22.01 -31.19 21.50
N GLU B 494 -22.73 -32.30 21.65
CA GLU B 494 -23.26 -33.06 20.52
C GLU B 494 -24.58 -32.51 20.00
N THR B 495 -24.86 -31.25 20.30
CA THR B 495 -26.04 -30.55 19.81
C THR B 495 -25.73 -29.75 18.54
N TYR B 496 -24.48 -29.77 18.09
CA TYR B 496 -24.04 -29.00 16.94
C TYR B 496 -24.04 -29.86 15.69
N VAL B 497 -24.79 -29.43 14.68
CA VAL B 497 -24.81 -30.12 13.39
C VAL B 497 -23.63 -29.65 12.56
N PRO B 498 -22.84 -30.56 11.98
CA PRO B 498 -21.71 -30.12 11.15
C PRO B 498 -22.17 -29.35 9.92
N LYS B 499 -21.31 -28.45 9.46
CA LYS B 499 -21.59 -27.62 8.29
C LYS B 499 -21.48 -28.44 7.00
N ALA B 500 -22.31 -28.10 6.02
CA ALA B 500 -22.22 -28.69 4.69
C ALA B 500 -20.93 -28.27 4.00
N PHE B 501 -20.46 -29.10 3.07
CA PHE B 501 -19.12 -28.92 2.53
C PHE B 501 -19.02 -27.67 1.67
N ASP B 502 -17.91 -26.96 1.83
CA ASP B 502 -17.61 -25.74 1.07
C ASP B 502 -16.22 -25.91 0.46
N GLU B 503 -16.17 -26.16 -0.85
CA GLU B 503 -14.88 -26.32 -1.53
C GLU B 503 -14.03 -25.07 -1.41
N LYS B 504 -14.65 -23.90 -1.51
CA LYS B 504 -13.92 -22.63 -1.49
C LYS B 504 -13.22 -22.36 -0.17
N LEU B 505 -13.65 -23.00 0.92
CA LEU B 505 -13.03 -22.78 2.21
C LEU B 505 -11.74 -23.58 2.39
N PHE B 506 -11.36 -24.41 1.42
CA PHE B 506 -10.13 -25.19 1.50
C PHE B 506 -9.31 -25.13 0.21
N THR B 507 -9.62 -24.20 -0.68
CA THR B 507 -8.84 -23.99 -1.90
C THR B 507 -7.84 -22.86 -1.66
N PHE B 508 -6.60 -23.08 -2.07
CA PHE B 508 -5.52 -22.13 -1.87
C PHE B 508 -4.92 -21.74 -3.22
N HIS B 509 -4.41 -20.52 -3.30
CA HIS B 509 -3.79 -19.99 -4.50
C HIS B 509 -2.34 -19.60 -4.18
N ALA B 510 -1.61 -19.21 -5.23
CA ALA B 510 -0.19 -18.89 -5.08
C ALA B 510 0.05 -17.68 -4.18
N ASP B 511 -0.99 -16.93 -3.82
CA ASP B 511 -0.82 -15.80 -2.92
C ASP B 511 -0.37 -16.24 -1.53
N ILE B 512 -0.64 -17.50 -1.16
CA ILE B 512 -0.25 -17.99 0.16
C ILE B 512 1.27 -17.96 0.34
N CYS B 513 2.02 -18.07 -0.75
CA CYS B 513 3.48 -17.99 -0.69
C CYS B 513 3.98 -16.55 -0.69
N THR B 514 3.08 -15.57 -0.70
CA THR B 514 3.44 -14.15 -0.82
C THR B 514 3.07 -13.33 0.40
N LEU B 515 1.89 -13.56 0.98
CA LEU B 515 1.32 -12.79 2.09
C LEU B 515 2.30 -12.63 3.25
N PRO B 516 2.22 -11.51 4.00
CA PRO B 516 3.03 -11.36 5.22
C PRO B 516 2.97 -12.56 6.16
N ASP B 517 3.91 -12.64 7.09
CA ASP B 517 4.00 -13.81 7.96
C ASP B 517 2.72 -13.99 8.78
N THR B 518 2.26 -12.91 9.44
CA THR B 518 0.97 -12.96 10.12
C THR B 518 -0.15 -13.37 9.17
N GLU B 519 -0.10 -12.87 7.94
CA GLU B 519 -1.12 -13.22 6.96
C GLU B 519 -1.02 -14.68 6.54
N LYS B 520 0.20 -15.24 6.49
CA LYS B 520 0.36 -16.66 6.18
C LYS B 520 -0.36 -17.52 7.22
N GLN B 521 -0.15 -17.22 8.51
CA GLN B 521 -0.68 -18.06 9.57
C GLN B 521 -2.20 -17.97 9.70
N ILE B 522 -2.76 -16.78 9.55
CA ILE B 522 -4.22 -16.64 9.71
C ILE B 522 -4.94 -17.42 8.62
N LYS B 523 -4.44 -17.41 7.39
CA LYS B 523 -5.06 -18.18 6.32
C LYS B 523 -4.99 -19.66 6.60
N LYS B 524 -3.88 -20.14 7.18
CA LYS B 524 -3.78 -21.55 7.53
C LYS B 524 -4.67 -21.89 8.72
N GLN B 525 -4.72 -21.01 9.72
CA GLN B 525 -5.55 -21.27 10.90
C GLN B 525 -7.03 -21.10 10.60
N THR B 526 -7.38 -20.25 9.63
CA THR B 526 -8.77 -20.12 9.21
C THR B 526 -9.29 -21.44 8.63
N ALA B 527 -8.49 -22.07 7.78
CA ALA B 527 -8.87 -23.36 7.22
C ALA B 527 -8.95 -24.44 8.30
N LEU B 528 -8.14 -24.32 9.35
CA LEU B 528 -8.22 -25.27 10.45
C LEU B 528 -9.56 -25.18 11.18
N VAL B 529 -10.02 -23.95 11.45
CA VAL B 529 -11.28 -23.76 12.15
C VAL B 529 -12.43 -24.34 11.34
N GLU B 530 -12.47 -24.04 10.03
CA GLU B 530 -13.49 -24.62 9.17
C GLU B 530 -13.40 -26.14 9.11
N LEU B 531 -12.18 -26.68 9.25
CA LEU B 531 -12.02 -28.14 9.23
C LEU B 531 -12.71 -28.79 10.43
N LEU B 532 -12.53 -28.21 11.62
CA LEU B 532 -13.18 -28.76 12.81
C LEU B 532 -14.65 -28.39 12.86
N LYS B 533 -15.00 -27.18 12.40
CA LYS B 533 -16.40 -26.86 12.19
C LYS B 533 -17.06 -27.85 11.24
N HIS B 534 -16.25 -28.51 10.40
CA HIS B 534 -16.70 -29.54 9.49
C HIS B 534 -16.59 -30.95 10.07
N LYS B 535 -15.48 -31.25 10.75
CA LYS B 535 -15.24 -32.56 11.35
C LYS B 535 -15.09 -32.35 12.85
N PRO B 536 -16.19 -32.14 13.58
CA PRO B 536 -16.07 -31.86 15.02
C PRO B 536 -15.56 -33.03 15.83
N LYS B 537 -15.57 -34.25 15.28
CA LYS B 537 -15.18 -35.44 16.02
C LYS B 537 -13.87 -36.04 15.55
N ALA B 538 -13.17 -35.41 14.59
CA ALA B 538 -11.88 -35.91 14.15
C ALA B 538 -10.90 -35.93 15.31
N THR B 539 -10.22 -37.05 15.49
CA THR B 539 -9.33 -37.20 16.64
C THR B 539 -8.05 -36.39 16.44
N GLU B 540 -7.31 -36.22 17.53
CA GLU B 540 -6.08 -35.44 17.47
C GLU B 540 -5.01 -36.12 16.62
N GLU B 541 -5.01 -37.45 16.57
CA GLU B 541 -4.05 -38.15 15.71
C GLU B 541 -4.32 -37.83 14.24
N GLN B 542 -5.59 -37.75 13.86
CA GLN B 542 -5.93 -37.39 12.48
C GLN B 542 -5.58 -35.94 12.18
N LEU B 543 -5.87 -35.02 13.11
CA LEU B 543 -5.49 -33.62 12.92
C LEU B 543 -3.98 -33.49 12.73
N LYS B 544 -3.20 -34.28 13.49
CA LYS B 544 -1.75 -34.32 13.27
C LYS B 544 -1.44 -34.72 11.83
N THR B 545 -2.08 -35.78 11.33
CA THR B 545 -1.83 -36.23 9.96
C THR B 545 -2.12 -35.14 8.95
N VAL B 546 -3.30 -34.51 9.06
CA VAL B 546 -3.70 -33.49 8.07
C VAL B 546 -2.73 -32.31 8.10
N MET B 547 -2.32 -31.88 9.29
CA MET B 547 -1.44 -30.72 9.40
C MET B 547 -0.12 -30.94 8.68
N GLU B 548 0.51 -32.09 8.92
CA GLU B 548 1.74 -32.42 8.20
C GLU B 548 1.49 -32.54 6.70
N ASN B 549 0.36 -33.15 6.31
CA ASN B 549 0.02 -33.22 4.90
C ASN B 549 -0.18 -31.84 4.30
N PHE B 550 -0.65 -30.88 5.10
CA PHE B 550 -0.83 -29.53 4.60
C PHE B 550 0.50 -28.80 4.49
N VAL B 551 1.41 -29.04 5.45
CA VAL B 551 2.76 -28.51 5.35
C VAL B 551 3.46 -29.04 4.10
N ALA B 552 3.44 -30.36 3.92
CA ALA B 552 4.01 -30.98 2.73
C ALA B 552 3.38 -30.44 1.46
N PHE B 553 2.11 -30.04 1.52
CA PHE B 553 1.47 -29.44 0.35
C PHE B 553 2.02 -28.05 0.06
N VAL B 554 2.17 -27.22 1.10
CA VAL B 554 2.51 -25.82 0.90
C VAL B 554 3.97 -25.66 0.48
N ASP B 555 4.89 -26.36 1.17
CA ASP B 555 6.31 -26.19 0.86
C ASP B 555 6.65 -26.68 -0.54
N LYS B 556 6.04 -27.79 -0.96
CA LYS B 556 6.32 -28.33 -2.28
C LYS B 556 5.97 -27.33 -3.38
N CYS B 557 4.78 -26.73 -3.31
CA CYS B 557 4.29 -25.90 -4.41
C CYS B 557 4.80 -24.48 -4.36
N CYS B 558 5.24 -23.97 -3.20
CA CYS B 558 5.87 -22.66 -3.17
C CYS B 558 7.29 -22.69 -3.72
N ALA B 559 7.76 -23.83 -4.22
CA ALA B 559 9.11 -23.96 -4.73
C ALA B 559 9.19 -24.30 -6.21
N ALA B 560 8.14 -24.87 -6.80
CA ALA B 560 8.18 -25.27 -8.19
C ALA B 560 8.24 -24.03 -9.10
N ASP B 561 8.55 -24.28 -10.37
CA ASP B 561 8.64 -23.19 -11.34
C ASP B 561 7.28 -22.57 -11.61
N ASP B 562 6.21 -23.35 -11.50
CA ASP B 562 4.84 -22.88 -11.74
C ASP B 562 4.01 -23.23 -10.51
N LYS B 563 3.83 -22.25 -9.63
CA LYS B 563 3.06 -22.48 -8.41
C LYS B 563 1.59 -22.74 -8.72
N GLU B 564 1.05 -22.06 -9.72
CA GLU B 564 -0.38 -22.18 -10.02
C GLU B 564 -0.73 -23.61 -10.42
N ALA B 565 0.06 -24.21 -11.32
CA ALA B 565 -0.21 -25.58 -11.75
C ALA B 565 0.03 -26.57 -10.63
N CYS B 566 0.92 -26.25 -9.68
CA CYS B 566 1.17 -27.15 -8.57
C CYS B 566 0.00 -27.17 -7.60
N PHE B 567 -0.43 -25.99 -7.15
CA PHE B 567 -1.65 -25.89 -6.34
C PHE B 567 -2.84 -26.49 -7.08
N ALA B 568 -2.87 -26.32 -8.41
CA ALA B 568 -3.91 -26.93 -9.22
C ALA B 568 -3.95 -28.44 -9.04
N VAL B 569 -2.78 -29.09 -9.09
CA VAL B 569 -2.74 -30.55 -9.06
C VAL B 569 -2.78 -31.06 -7.62
N GLU B 570 -1.92 -30.53 -6.76
CA GLU B 570 -1.79 -31.07 -5.41
C GLU B 570 -2.97 -30.70 -4.51
N GLY B 571 -3.66 -29.60 -4.80
CA GLY B 571 -4.77 -29.16 -4.01
C GLY B 571 -5.88 -30.20 -3.86
N PRO B 572 -6.52 -30.55 -4.98
CA PRO B 572 -7.53 -31.62 -4.95
C PRO B 572 -7.04 -32.91 -4.30
N LYS B 573 -5.78 -33.29 -4.52
CA LYS B 573 -5.23 -34.50 -3.90
C LYS B 573 -5.33 -34.42 -2.37
N LEU B 574 -4.98 -33.26 -1.80
CA LEU B 574 -5.07 -33.09 -0.36
C LEU B 574 -6.49 -33.27 0.14
N VAL B 575 -7.46 -32.66 -0.57
CA VAL B 575 -8.87 -32.78 -0.18
C VAL B 575 -9.29 -34.24 -0.17
N VAL B 576 -8.86 -35.01 -1.16
CA VAL B 576 -9.23 -36.43 -1.21
C VAL B 576 -8.67 -37.17 0.00
N SER B 577 -7.37 -37.07 0.22
CA SER B 577 -6.74 -37.76 1.34
C SER B 577 -7.30 -37.29 2.68
N THR B 578 -7.63 -36.00 2.79
CA THR B 578 -8.20 -35.49 4.03
C THR B 578 -9.60 -36.06 4.26
N GLN B 579 -10.46 -36.00 3.25
CA GLN B 579 -11.80 -36.58 3.36
C GLN B 579 -11.73 -38.08 3.67
N THR B 580 -10.70 -38.76 3.18
CA THR B 580 -10.56 -40.19 3.46
C THR B 580 -10.15 -40.44 4.90
N ALA B 581 -9.15 -39.69 5.38
CA ALA B 581 -8.64 -39.92 6.74
C ALA B 581 -9.67 -39.55 7.80
N LEU B 582 -10.54 -38.59 7.53
CA LEU B 582 -11.50 -38.11 8.53
C LEU B 582 -12.91 -38.64 8.31
N ALA B 583 -13.22 -39.21 7.15
CA ALA B 583 -14.56 -39.70 6.87
C ALA B 583 -14.52 -41.01 6.08
C02 VZK C . -16.33 22.22 -38.79
C04 VZK C . -15.55 23.93 -40.43
C05 VZK C . -15.51 24.48 -41.70
C07 VZK C . -16.95 22.79 -42.47
C08 VZK C . -16.98 22.25 -41.20
C09 VZK C . -16.17 24.48 -44.03
C11 VZK C . -17.39 19.74 -32.42
C13 VZK C . -15.95 19.99 -34.32
C14 VZK C . -16.94 20.70 -34.97
C15 VZK C . -18.15 20.93 -34.34
C16 VZK C . -14.74 19.75 -34.96
C17 VZK C . -14.53 20.23 -36.24
C18 VZK C . -15.53 20.95 -36.88
C22 VZK C . -18.34 20.10 -30.14
C01 VZK C . -15.34 21.51 -38.30
C03 VZK C . -16.29 22.82 -40.19
C10 VZK C . -18.37 20.46 -33.06
C12 VZK C . -16.17 19.50 -33.05
C19 VZK C . -16.74 21.18 -36.25
C21 VZK C . -17.19 17.93 -30.68
N06 VZK C . -16.21 23.90 -42.70
N20 VZK C . -17.63 19.25 -31.08
C02 VZK D . 16.36 -26.06 -29.53
C04 VZK D . 14.85 -27.46 -28.11
C05 VZK D . 13.98 -27.62 -27.05
C07 VZK D . 14.23 -25.36 -26.49
C08 VZK D . 15.10 -25.20 -27.56
C09 VZK D . 12.76 -26.73 -25.13
C11 VZK D . 19.23 -24.28 -36.00
C13 VZK D . 18.53 -25.58 -34.11
C14 VZK D . 17.54 -24.66 -33.83
C15 VZK D . 17.39 -23.55 -34.65
C16 VZK D . 18.69 -26.70 -33.29
C17 VZK D . 17.85 -26.89 -32.21
C18 VZK D . 16.84 -25.96 -31.94
C22 VZK D . 19.60 -24.24 -38.48
C01 VZK D . 15.91 -26.15 -30.76
C03 VZK D . 15.40 -26.25 -28.36
C10 VZK D . 18.23 -23.36 -35.73
C12 VZK D . 19.38 -25.39 -35.18
C19 VZK D . 16.69 -24.85 -32.76
C21 VZK D . 21.49 -23.69 -36.91
N06 VZK D . 13.68 -26.57 -26.25
N20 VZK D . 20.11 -24.07 -37.13
C02 VZK E . -17.66 13.68 -24.29
C04 VZK E . -18.83 15.86 -24.48
C05 VZK E . -19.23 16.97 -25.20
C07 VZK E . -18.12 16.16 -27.10
C08 VZK E . -17.72 15.04 -26.39
C09 VZK E . -19.30 18.28 -27.24
C11 VZK E . -17.72 7.65 -20.18
C13 VZK E . -17.32 9.87 -20.96
C14 VZK E . -18.47 9.81 -21.72
C15 VZK E . -19.26 8.66 -21.71
C16 VZK E . -16.54 11.01 -20.97
C17 VZK E . -16.91 12.09 -21.74
C18 VZK E . -18.06 12.03 -22.50
C22 VZK E . -16.84 6.78 -18.02
C01 VZK E . -18.47 13.23 -23.34
C03 VZK E . -18.09 14.90 -25.09
C10 VZK E . -18.87 7.58 -20.94
C12 VZK E . -16.94 8.78 -20.19
C19 VZK E . -18.85 10.89 -22.50
C21 VZK E . -17.36 5.17 -19.88
N06 VZK E . -18.87 17.11 -26.50
N20 VZK E . -17.30 6.53 -19.37
C02 VZK F . -32.52 -1.73 13.87
C04 VZK F . -30.88 -2.68 15.47
C05 VZK F . -30.56 -3.36 16.63
C07 VZK F . -32.83 -3.64 17.11
C08 VZK F . -33.17 -2.96 15.95
C09 VZK F . -31.18 -4.56 18.64
C11 VZK F . -35.02 1.05 7.79
C13 VZK F . -34.17 1.04 10.02
C14 VZK F . -34.65 -0.25 10.19
C15 VZK F . -35.32 -0.89 9.16
C16 VZK F . -33.50 1.68 11.04
C17 VZK F . -33.31 1.04 12.25
C18 VZK F . -33.80 -0.25 12.43
C22 VZK F . -35.49 0.99 5.32
C01 VZK F . -33.57 -0.95 13.77
C03 VZK F . -32.18 -2.49 15.15
C10 VZK F . -35.50 -0.23 7.96
C12 VZK F . -34.35 1.69 8.82
C19 VZK F . -34.47 -0.89 11.41
C21 VZK F . -35.11 3.19 6.45
N06 VZK F . -31.54 -3.84 17.44
N20 VZK F . -35.20 1.75 6.52
C02 VZK G . 0.58 8.14 1.68
C04 VZK G . -0.35 7.40 3.89
C05 VZK G . -0.24 6.69 5.08
C07 VZK G . 1.88 5.91 4.44
C08 VZK G . 1.78 6.63 3.25
C09 VZK G . 0.98 5.21 6.57
C11 VZK G . -3.94 2.71 -0.75
C13 VZK G . -2.04 3.93 0.07
C14 VZK G . -2.61 5.10 -0.40
C15 VZK G . -3.84 5.08 -1.04
C16 VZK G . -0.81 3.96 0.70
C17 VZK G . -0.15 5.16 0.86
C18 VZK G . -0.72 6.34 0.42
C22 VZK G . -5.10 0.69 0.22
C01 VZK G . -0.01 7.70 0.59
C03 VZK G . 0.67 7.36 2.99
C10 VZK G . -4.50 3.88 -1.22
C12 VZK G . -2.71 2.73 -0.11
C19 VZK G . -1.95 6.31 -0.23
C21 VZK G . -4.88 0.93 -2.28
N06 VZK G . 0.87 5.96 5.34
N20 VZK G . -4.64 1.44 -0.93
C02 VZK H . -19.80 26.46 9.21
C04 VZK H . -22.29 26.44 9.40
C05 VZK H . -23.48 25.83 9.75
C07 VZK H . -22.31 23.95 10.51
C08 VZK H . -21.10 24.55 10.16
C09 VZK H . -24.73 23.96 10.68
C11 VZK H . -14.23 30.32 7.26
C13 VZK H . -15.69 28.42 7.02
C14 VZK H . -16.61 29.03 7.85
C15 VZK H . -16.34 30.28 8.39
C16 VZK H . -15.96 27.17 6.48
C17 VZK H . -17.15 26.54 6.78
C18 VZK H . -18.07 27.15 7.62
C22 VZK H . -12.61 31.24 5.57
C01 VZK H . -19.39 26.46 7.95
C03 VZK H . -21.12 25.79 9.60
C10 VZK H . -15.15 30.92 8.09
C12 VZK H . -14.49 29.06 6.72
C19 VZK H . -17.80 28.40 8.15
C21 VZK H . -12.11 31.41 8.02
N06 VZK H . -23.48 24.59 10.31
N20 VZK H . -12.98 30.99 6.94
C02 VZK I . -17.13 -32.58 36.01
C04 VZK I . -15.55 -33.97 34.66
C05 VZK I . -15.00 -35.19 34.30
C07 VZK I . -16.37 -36.28 35.85
C08 VZK I . -16.93 -35.07 36.22
C09 VZK I . -14.83 -37.60 34.52
C11 VZK I . -20.22 -26.86 38.71
C13 VZK I . -18.34 -27.99 37.73
C14 VZK I . -18.95 -29.22 37.99
C15 VZK I . -20.18 -29.26 38.62
C16 VZK I . -17.11 -27.95 37.10
C17 VZK I . -16.48 -29.13 36.75
C18 VZK I . -17.08 -30.35 37.02
C22 VZK I . -22.32 -25.64 39.34
C01 VZK I . -16.41 -31.67 36.63
C03 VZK I . -16.51 -33.92 35.61
C10 VZK I . -20.82 -28.08 38.98
C12 VZK I . -18.99 -26.82 38.09
C19 VZK I . -18.32 -30.39 37.64
C21 VZK I . -20.14 -24.40 39.23
N06 VZK I . -15.41 -36.33 34.91
N20 VZK I . -20.89 -25.64 39.10
C02 VZK J . -16.65 -0.21 63.41
C04 VZK J . -17.76 -2.16 64.47
C05 VZK J . -17.96 -3.04 65.52
C07 VZK J . -16.32 -1.92 66.77
C08 VZK J . -16.11 -1.04 65.72
C09 VZK J . -17.45 -3.83 67.76
C11 VZK J . -16.52 3.29 57.35
C13 VZK J . -15.59 2.69 59.48
C14 VZK J . -16.41 1.57 59.51
C15 VZK J . -17.27 1.31 58.47
C16 VZK J . -14.73 2.94 60.54
C17 VZK J . -14.67 2.06 61.62
C18 VZK J . -15.48 0.94 61.63
C22 VZK J . -16.51 3.66 54.87
C01 VZK J . -15.49 -0.04 62.79
C03 VZK J . -16.84 -1.17 64.58
C10 VZK J . -17.34 2.17 57.39
C12 VZK J . -15.65 3.56 58.40
C19 VZK J . -16.36 0.70 60.59
C21 VZK J . -16.77 5.62 56.43
N06 VZK J . -17.24 -2.90 66.65
N20 VZK J . -16.59 4.18 56.22
C02 VZK K . -18.74 11.75 60.39
C04 VZK K . -17.69 13.99 60.61
C05 VZK K . -17.03 15.10 60.10
C07 VZK K . -17.02 14.10 57.98
C08 VZK K . -17.68 13.00 58.49
C09 VZK K . -16.01 16.29 58.26
C11 VZK K . -22.30 6.77 63.70
C13 VZK K . -21.30 7.62 61.68
C14 VZK K . -21.01 8.82 62.34
C15 VZK K . -21.36 8.98 63.68
C16 VZK K . -20.95 7.47 60.36
C17 VZK K . -20.31 8.50 59.68
C18 VZK K . -20.02 9.69 60.34
C22 VZK K . -22.59 5.41 65.79
C01 VZK K . -19.31 10.83 59.64
C03 VZK K . -18.01 12.96 59.81
C10 VZK K . -22.00 7.96 64.35
C12 VZK K . -21.94 6.61 62.37
C19 VZK K . -20.37 9.84 61.67
C21 VZK K . -24.02 4.95 63.77
N06 VZK K . -16.70 15.13 58.79
N20 VZK K . -22.97 5.71 64.42
#